data_4PRP
#
_entry.id   4PRP
#
_cell.length_a   45.143
_cell.length_b   62.599
_cell.length_c   97.812
_cell.angle_alpha   92.040
_cell.angle_beta   102.530
_cell.angle_gamma   109.700
#
_symmetry.space_group_name_H-M   'P 1'
#
loop_
_entity.id
_entity.type
_entity.pdbx_description
1 polymer 'MHC class I antigen'
2 polymer Beta-2-microglobulin
3 polymer 'Epstein-Barr nuclear antigen 1'
4 polymer 'TK3 TCR alpha chain'
5 polymer 'TK3 TCR beta chain'
6 non-polymer 'SULFATE ION'
7 water water
#
loop_
_entity_poly.entity_id
_entity_poly.type
_entity_poly.pdbx_seq_one_letter_code
_entity_poly.pdbx_strand_id
1 'polypeptide(L)'
;GSHSMRYFYTAMSRPGRGEPRFIAVGYVDDTQFVRFDSDAASPRTEPRAPWIEQEGPEYWDRNTQIFKTNTQTYRESLRN
LRGYYNQSEAGSHIIQRMYGCDLGPDGRLLRGHDQSAYDGKDYIALNEDLSSWTAADTAAQITQRKWEAARVAEQLRAYL
EGLCVEWLRRYLENGKETLQRADPPKTHVTHHPVSDHEATLRCWALGFYPAEITLTWQRDGEDQTQDTELVETRPAGDRT
FQKWAAVVVPSGEEQRYTCHVQHEGLPKPLTLRWEP
;
A
2 'polypeptide(L)'
;IQRTPKIQVYSRHPAENGKSNFLNCYVSGFHPSDIEVDLLKNGERIEKVEHSDLSFSKDWSFYLLYYTEFTPTEKDEYAC
RVNHVTLSQPKIVKWDRDM
;
B
3 'polypeptide(L)' HPVGQADYFEY C
4 'polypeptide(L)'
;QVTQSPEALRLQEGESSSLNCSYTVSGLRGLFWYRQDPGKGPEFLFTLYSAGEEKEKERLKATLTKKESFLHITAPKPED
SATYLCAVQDLGTSGSRLTFGEGTQLTVNPNIQNPDPAVYQLRDSKSSDKSVCLFTDFDSQTNVSQSKDSDVYITDKCVL
DMRSMDFKSNSAVAWSNKSDFACANAFNNSIIPEDTFFPS
;
D
5 'polypeptide(L)'
;DSGVTQTPKHLITATGQRVTLRCSPRSGDLSVYWYQQSLDQGLQFLIQYYNGEERAKGNILERFSAQQFPDLHSELNLSS
LELGDSALYFCASSARSGELFFGEGSRLTVLEDLKNVFPPEVAVFEPSEAEISHTQKATLVCLATGFYPDHVELSWWVNG
KEVHSGVCTDPQPLKEQPALNDSRYALSSRLRVSATFWQNPRNHFRCQVQFYGLSENDEWTQDRAKPVTQIVSAEAWGRA
D
;
E
#
# COMPACT_ATOMS: atom_id res chain seq x y z
N GLY A 1 -22.24 25.14 8.41
CA GLY A 1 -23.39 24.36 7.94
C GLY A 1 -23.11 22.88 7.83
N SER A 2 -24.16 22.08 7.50
CA SER A 2 -24.09 20.62 7.35
C SER A 2 -23.54 20.26 5.96
N HIS A 3 -22.35 19.65 5.91
CA HIS A 3 -21.70 19.33 4.65
C HIS A 3 -21.23 17.88 4.58
N SER A 4 -21.25 17.34 3.36
CA SER A 4 -20.85 15.96 3.12
C SER A 4 -20.06 15.80 1.84
N MET A 5 -19.27 14.71 1.79
CA MET A 5 -18.54 14.28 0.62
C MET A 5 -18.91 12.84 0.31
N ARG A 6 -19.24 12.54 -0.97
CA ARG A 6 -19.61 11.17 -1.34
C ARG A 6 -19.06 10.74 -2.67
N TYR A 7 -18.63 9.46 -2.75
CA TYR A 7 -18.21 8.78 -3.98
C TYR A 7 -19.24 7.70 -4.31
N PHE A 8 -19.74 7.73 -5.55
CA PHE A 8 -20.74 6.80 -6.09
C PHE A 8 -20.08 5.97 -7.19
N TYR A 9 -20.06 4.66 -7.03
CA TYR A 9 -19.49 3.74 -8.00
C TYR A 9 -20.59 2.89 -8.65
N THR A 10 -20.44 2.63 -9.94
CA THR A 10 -21.26 1.68 -10.67
C THR A 10 -20.34 0.70 -11.38
N ALA A 11 -20.64 -0.58 -11.27
CA ALA A 11 -19.90 -1.61 -11.95
C ALA A 11 -20.90 -2.50 -12.64
N MET A 12 -21.05 -2.29 -13.96
CA MET A 12 -22.02 -2.97 -14.84
C MET A 12 -21.35 -4.04 -15.72
N SER A 13 -21.89 -5.25 -15.69
CA SER A 13 -21.38 -6.31 -16.57
C SER A 13 -22.01 -6.16 -17.94
N ARG A 14 -21.24 -6.50 -18.97
CA ARG A 14 -21.70 -6.44 -20.35
C ARG A 14 -22.23 -7.81 -20.73
N PRO A 15 -23.43 -7.90 -21.35
CA PRO A 15 -23.89 -9.22 -21.82
C PRO A 15 -23.19 -9.55 -23.17
N GLY A 16 -22.41 -10.65 -23.24
CA GLY A 16 -22.21 -11.63 -22.18
C GLY A 16 -20.78 -12.11 -21.97
N ARG A 17 -19.79 -11.31 -22.42
CA ARG A 17 -18.37 -11.62 -22.29
C ARG A 17 -17.51 -10.34 -22.24
N GLY A 18 -18.11 -9.20 -22.64
CA GLY A 18 -17.49 -7.88 -22.71
C GLY A 18 -16.88 -7.37 -21.42
N GLU A 19 -15.83 -6.49 -21.53
CA GLU A 19 -15.16 -5.86 -20.37
C GLU A 19 -16.22 -5.05 -19.58
N PRO A 20 -16.42 -5.32 -18.28
CA PRO A 20 -17.42 -4.55 -17.52
C PRO A 20 -17.04 -3.07 -17.37
N ARG A 21 -18.06 -2.19 -17.29
CA ARG A 21 -17.89 -0.75 -17.20
C ARG A 21 -17.87 -0.28 -15.76
N PHE A 22 -16.79 0.45 -15.41
CA PHE A 22 -16.63 1.05 -14.10
C PHE A 22 -16.68 2.56 -14.23
N ILE A 23 -17.58 3.18 -13.46
CA ILE A 23 -17.77 4.61 -13.38
C ILE A 23 -17.67 5.06 -11.90
N ALA A 24 -16.94 6.13 -11.66
CA ALA A 24 -16.88 6.73 -10.33
C ALA A 24 -17.23 8.21 -10.43
N VAL A 25 -18.15 8.67 -9.60
CA VAL A 25 -18.54 10.10 -9.54
C VAL A 25 -18.37 10.60 -8.07
N GLY A 26 -17.69 11.74 -7.92
CA GLY A 26 -17.44 12.41 -6.64
C GLY A 26 -18.32 13.64 -6.44
N TYR A 27 -19.00 13.70 -5.28
CA TYR A 27 -19.89 14.79 -4.88
C TYR A 27 -19.46 15.46 -3.57
N VAL A 28 -19.64 16.80 -3.51
CA VAL A 28 -19.50 17.65 -2.33
C VAL A 28 -20.90 18.21 -2.21
N ASP A 29 -21.66 17.65 -1.24
CA ASP A 29 -23.07 17.92 -1.01
C ASP A 29 -23.79 17.40 -2.28
N ASP A 30 -24.49 18.26 -3.02
CA ASP A 30 -25.13 17.78 -4.24
C ASP A 30 -24.32 18.23 -5.49
N THR A 31 -23.12 18.80 -5.30
CA THR A 31 -22.27 19.27 -6.40
C THR A 31 -21.26 18.20 -6.80
N GLN A 32 -21.33 17.77 -8.05
CA GLN A 32 -20.43 16.81 -8.68
C GLN A 32 -19.09 17.51 -9.01
N PHE A 33 -17.94 16.90 -8.66
CA PHE A 33 -16.66 17.56 -8.90
C PHE A 33 -15.67 16.65 -9.64
N VAL A 34 -15.85 15.32 -9.59
CA VAL A 34 -14.96 14.41 -10.33
C VAL A 34 -15.77 13.34 -11.01
N ARG A 35 -15.25 12.83 -12.13
CA ARG A 35 -15.82 11.71 -12.86
C ARG A 35 -14.71 10.89 -13.52
N PHE A 36 -14.82 9.57 -13.39
CA PHE A 36 -13.97 8.60 -14.06
C PHE A 36 -14.89 7.58 -14.75
N ASP A 37 -14.66 7.32 -16.03
CA ASP A 37 -15.37 6.32 -16.83
C ASP A 37 -14.34 5.36 -17.45
N SER A 38 -14.40 4.05 -17.10
CA SER A 38 -13.43 3.04 -17.59
C SER A 38 -13.46 2.83 -19.13
N ASP A 39 -14.62 3.09 -19.76
CA ASP A 39 -14.85 2.97 -21.20
C ASP A 39 -14.27 4.21 -21.92
N ALA A 40 -13.04 4.04 -22.41
CA ALA A 40 -12.18 5.00 -23.11
C ALA A 40 -10.85 4.32 -23.34
N ALA A 41 -10.14 4.70 -24.43
CA ALA A 41 -8.83 4.19 -24.82
C ALA A 41 -7.81 4.45 -23.73
N SER A 42 -7.84 5.67 -23.17
CA SER A 42 -6.94 6.11 -22.10
C SER A 42 -7.79 6.75 -21.00
N PRO A 43 -8.39 5.97 -20.06
CA PRO A 43 -9.25 6.59 -19.04
C PRO A 43 -8.45 7.42 -18.03
N ARG A 44 -8.94 8.62 -17.75
CA ARG A 44 -8.40 9.60 -16.81
C ARG A 44 -9.56 10.21 -16.03
N THR A 45 -9.35 10.54 -14.76
CA THR A 45 -10.40 11.19 -13.98
C THR A 45 -10.52 12.62 -14.50
N GLU A 46 -11.75 13.11 -14.65
CA GLU A 46 -11.99 14.45 -15.16
C GLU A 46 -12.61 15.36 -14.12
N PRO A 47 -12.16 16.65 -14.06
CA PRO A 47 -12.82 17.62 -13.16
C PRO A 47 -14.22 17.93 -13.68
N ARG A 48 -15.19 18.12 -12.76
CA ARG A 48 -16.59 18.43 -13.11
C ARG A 48 -17.07 19.72 -12.42
N ALA A 49 -16.25 20.30 -11.54
CA ALA A 49 -16.56 21.55 -10.85
C ALA A 49 -15.40 22.53 -11.06
N PRO A 50 -15.65 23.85 -11.11
CA PRO A 50 -14.54 24.79 -11.34
C PRO A 50 -13.45 24.79 -10.28
N TRP A 51 -13.83 24.71 -9.00
CA TRP A 51 -12.93 24.79 -7.84
C TRP A 51 -11.99 23.57 -7.62
N ILE A 52 -12.08 22.52 -8.42
CA ILE A 52 -11.23 21.35 -8.27
C ILE A 52 -10.08 21.41 -9.29
N GLU A 53 -10.18 22.29 -10.32
CA GLU A 53 -9.19 22.43 -11.41
C GLU A 53 -7.79 22.92 -10.92
N GLN A 54 -7.72 23.53 -9.71
CA GLN A 54 -6.46 24.01 -9.12
C GLN A 54 -5.56 22.84 -8.61
N GLU A 55 -6.12 21.63 -8.46
CA GLU A 55 -5.41 20.44 -7.99
C GLU A 55 -4.38 19.94 -9.03
N GLY A 56 -3.20 19.57 -8.52
CA GLY A 56 -2.04 19.14 -9.29
C GLY A 56 -2.11 17.81 -10.02
N PRO A 57 -1.09 17.50 -10.87
CA PRO A 57 -1.10 16.22 -11.62
C PRO A 57 -0.99 14.98 -10.72
N GLU A 58 -0.32 15.09 -9.54
CA GLU A 58 -0.14 14.02 -8.56
C GLU A 58 -1.49 13.59 -7.98
N TYR A 59 -2.41 14.56 -7.78
CA TYR A 59 -3.76 14.34 -7.28
C TYR A 59 -4.59 13.63 -8.37
N TRP A 60 -4.49 14.08 -9.64
CA TRP A 60 -5.26 13.51 -10.73
C TRP A 60 -4.84 12.08 -11.02
N ASP A 61 -3.55 11.80 -10.85
CA ASP A 61 -2.95 10.49 -11.04
C ASP A 61 -3.32 9.53 -9.91
N ARG A 62 -3.38 10.03 -8.66
CA ARG A 62 -3.75 9.24 -7.47
C ARG A 62 -5.17 8.71 -7.61
N ASN A 63 -6.09 9.56 -8.09
CA ASN A 63 -7.48 9.24 -8.41
C ASN A 63 -7.56 8.19 -9.53
N THR A 64 -6.90 8.45 -10.65
CA THR A 64 -6.89 7.61 -11.84
C THR A 64 -6.38 6.22 -11.49
N GLN A 65 -5.29 6.13 -10.71
CA GLN A 65 -4.69 4.87 -10.29
C GLN A 65 -5.65 4.07 -9.39
N ILE A 66 -6.43 4.73 -8.51
CA ILE A 66 -7.41 4.05 -7.66
C ILE A 66 -8.56 3.55 -8.55
N PHE A 67 -9.07 4.42 -9.40
CA PHE A 67 -10.18 4.07 -10.28
C PHE A 67 -9.80 3.07 -11.36
N LYS A 68 -8.55 3.07 -11.87
CA LYS A 68 -8.10 2.02 -12.84
C LYS A 68 -7.97 0.63 -12.15
N THR A 69 -7.72 0.59 -10.82
CA THR A 69 -7.60 -0.64 -10.03
C THR A 69 -9.01 -1.16 -9.69
N ASN A 70 -9.91 -0.25 -9.32
CA ASN A 70 -11.30 -0.62 -9.02
C ASN A 70 -11.95 -1.27 -10.23
N THR A 71 -11.62 -0.80 -11.46
CA THR A 71 -12.07 -1.35 -12.74
C THR A 71 -11.68 -2.84 -12.79
N GLN A 72 -10.41 -3.15 -12.48
CA GLN A 72 -9.93 -4.52 -12.47
C GLN A 72 -10.56 -5.35 -11.35
N THR A 73 -10.65 -4.83 -10.12
CA THR A 73 -11.17 -5.63 -9.01
C THR A 73 -12.70 -5.80 -9.06
N TYR A 74 -13.46 -4.79 -9.54
CA TYR A 74 -14.94 -4.84 -9.60
C TYR A 74 -15.45 -5.84 -10.65
N ARG A 75 -14.62 -6.13 -11.63
CA ARG A 75 -14.80 -7.12 -12.67
C ARG A 75 -14.80 -8.49 -12.00
N GLU A 76 -13.84 -8.72 -11.08
CA GLU A 76 -13.72 -9.98 -10.33
C GLU A 76 -14.89 -10.13 -9.33
N SER A 77 -15.27 -9.03 -8.69
CA SER A 77 -16.37 -8.96 -7.74
C SER A 77 -17.68 -9.31 -8.43
N LEU A 78 -17.87 -8.86 -9.72
CA LEU A 78 -19.07 -9.16 -10.53
C LEU A 78 -19.12 -10.66 -10.82
N ARG A 79 -17.95 -11.32 -11.00
CA ARG A 79 -17.83 -12.76 -11.22
CA ARG A 79 -17.83 -12.75 -11.22
C ARG A 79 -18.16 -13.51 -9.93
N ASN A 80 -17.69 -12.99 -8.78
CA ASN A 80 -17.97 -13.63 -7.50
C ASN A 80 -19.46 -13.61 -7.20
N LEU A 81 -20.13 -12.47 -7.40
CA LEU A 81 -21.56 -12.30 -7.15
C LEU A 81 -22.44 -13.19 -8.04
N ARG A 82 -22.11 -13.25 -9.35
CA ARG A 82 -22.75 -14.13 -10.34
C ARG A 82 -22.78 -15.56 -9.79
N GLY A 83 -21.66 -16.00 -9.23
CA GLY A 83 -21.48 -17.30 -8.61
C GLY A 83 -22.29 -17.50 -7.34
N TYR A 84 -22.56 -16.45 -6.57
CA TYR A 84 -23.34 -16.68 -5.34
C TYR A 84 -24.81 -16.87 -5.66
N TYR A 85 -25.31 -16.19 -6.71
CA TYR A 85 -26.72 -16.24 -7.10
C TYR A 85 -26.95 -17.17 -8.28
N ASN A 86 -25.94 -17.98 -8.61
CA ASN A 86 -25.98 -18.96 -9.71
C ASN A 86 -26.58 -18.30 -10.97
N GLN A 87 -25.97 -17.21 -11.42
CA GLN A 87 -26.43 -16.47 -12.59
C GLN A 87 -25.52 -16.80 -13.75
N SER A 88 -26.01 -16.69 -14.99
CA SER A 88 -25.16 -16.96 -16.16
C SER A 88 -24.45 -15.69 -16.64
N GLU A 89 -23.47 -15.85 -17.58
CA GLU A 89 -22.71 -14.77 -18.21
C GLU A 89 -23.64 -13.92 -19.09
N ALA A 90 -24.73 -14.53 -19.60
CA ALA A 90 -25.76 -13.84 -20.36
C ALA A 90 -26.63 -13.09 -19.36
N GLY A 91 -26.79 -11.79 -19.55
CA GLY A 91 -27.52 -10.94 -18.63
C GLY A 91 -26.65 -9.86 -17.99
N SER A 92 -27.18 -8.64 -17.90
CA SER A 92 -26.47 -7.51 -17.30
C SER A 92 -26.70 -7.47 -15.80
N HIS A 93 -25.62 -7.26 -15.05
CA HIS A 93 -25.65 -7.20 -13.59
C HIS A 93 -24.91 -5.94 -13.15
N ILE A 94 -25.24 -5.41 -11.97
CA ILE A 94 -24.67 -4.16 -11.51
C ILE A 94 -24.39 -4.14 -10.01
N ILE A 95 -23.16 -3.67 -9.66
CA ILE A 95 -22.72 -3.38 -8.30
C ILE A 95 -22.79 -1.86 -8.17
N GLN A 96 -23.46 -1.37 -7.14
CA GLN A 96 -23.55 0.05 -6.84
C GLN A 96 -22.96 0.29 -5.45
N ARG A 97 -22.12 1.30 -5.31
CA ARG A 97 -21.47 1.61 -4.05
C ARG A 97 -21.47 3.11 -3.82
N MET A 98 -21.69 3.52 -2.58
CA MET A 98 -21.59 4.91 -2.13
C MET A 98 -20.97 4.96 -0.74
N TYR A 99 -20.00 5.85 -0.55
CA TYR A 99 -19.31 5.99 0.71
C TYR A 99 -18.92 7.43 0.90
N GLY A 100 -18.67 7.81 2.16
CA GLY A 100 -18.27 9.16 2.49
C GLY A 100 -18.54 9.61 3.91
N CYS A 101 -18.37 10.90 4.14
CA CYS A 101 -18.49 11.52 5.45
C CYS A 101 -19.42 12.71 5.44
N ASP A 102 -20.01 12.92 6.62
CA ASP A 102 -20.88 14.03 6.98
C ASP A 102 -20.22 14.84 8.10
N LEU A 103 -20.39 16.18 8.07
CA LEU A 103 -19.98 17.11 9.13
C LEU A 103 -21.18 17.97 9.51
N GLY A 104 -21.33 18.25 10.80
CA GLY A 104 -22.40 19.12 11.29
C GLY A 104 -22.07 20.60 11.13
N PRO A 105 -22.79 21.53 11.84
CA PRO A 105 -22.44 22.98 11.73
C PRO A 105 -20.95 23.19 11.99
N ASP A 106 -20.44 22.53 13.04
CA ASP A 106 -19.03 22.43 13.42
C ASP A 106 -18.37 21.42 12.45
N GLY A 107 -17.29 21.83 11.79
CA GLY A 107 -16.59 20.99 10.82
C GLY A 107 -15.86 19.79 11.40
N ARG A 108 -16.59 18.91 12.12
CA ARG A 108 -16.08 17.67 12.74
C ARG A 108 -16.87 16.45 12.21
N LEU A 109 -16.23 15.25 12.13
CA LEU A 109 -16.88 14.05 11.61
C LEU A 109 -18.13 13.65 12.43
N LEU A 110 -19.28 13.75 11.77
CA LEU A 110 -20.58 13.41 12.32
C LEU A 110 -20.81 11.89 12.17
N ARG A 111 -20.93 11.43 10.91
CA ARG A 111 -21.22 10.07 10.49
C ARG A 111 -20.41 9.69 9.23
N GLY A 112 -19.98 8.44 9.18
CA GLY A 112 -19.29 7.84 8.05
C GLY A 112 -20.19 6.83 7.36
N HIS A 113 -20.07 6.70 6.02
CA HIS A 113 -20.91 5.79 5.22
C HIS A 113 -20.09 4.90 4.29
N ASP A 114 -20.61 3.69 4.03
CA ASP A 114 -20.09 2.70 3.10
C ASP A 114 -21.16 1.64 2.86
N GLN A 115 -21.95 1.89 1.85
CA GLN A 115 -23.07 1.06 1.43
C GLN A 115 -22.81 0.51 0.05
N SER A 116 -23.24 -0.74 -0.16
CA SER A 116 -23.19 -1.45 -1.43
C SER A 116 -24.58 -2.06 -1.80
N ALA A 117 -24.85 -2.17 -3.08
CA ALA A 117 -26.04 -2.80 -3.63
C ALA A 117 -25.65 -3.66 -4.78
N TYR A 118 -26.30 -4.82 -4.91
CA TYR A 118 -26.15 -5.69 -6.05
C TYR A 118 -27.49 -5.70 -6.79
N ASP A 119 -27.47 -5.32 -8.08
CA ASP A 119 -28.69 -5.26 -8.94
C ASP A 119 -29.89 -4.42 -8.29
N GLY A 120 -29.55 -3.25 -7.77
CA GLY A 120 -30.51 -2.31 -7.21
C GLY A 120 -30.95 -2.49 -5.76
N LYS A 121 -30.55 -3.58 -5.08
CA LYS A 121 -31.00 -3.69 -3.70
C LYS A 121 -29.85 -3.83 -2.72
N ASP A 122 -30.04 -3.31 -1.47
CA ASP A 122 -29.07 -3.35 -0.34
C ASP A 122 -28.41 -4.74 -0.25
N TYR A 123 -27.08 -4.79 -0.17
CA TYR A 123 -26.30 -6.04 -0.15
C TYR A 123 -25.46 -6.14 1.15
N ILE A 124 -24.62 -5.16 1.39
CA ILE A 124 -23.77 -5.04 2.57
C ILE A 124 -23.58 -3.54 2.88
N ALA A 125 -23.63 -3.19 4.17
CA ALA A 125 -23.42 -1.83 4.62
C ALA A 125 -22.66 -1.83 5.93
N LEU A 126 -21.80 -0.83 6.09
CA LEU A 126 -21.01 -0.58 7.29
C LEU A 126 -21.92 0.07 8.30
N ASN A 127 -21.90 -0.42 9.54
CA ASN A 127 -22.72 0.17 10.62
C ASN A 127 -22.13 1.46 11.12
N GLU A 128 -22.98 2.31 11.79
CA GLU A 128 -22.69 3.62 12.42
C GLU A 128 -21.39 3.64 13.21
N ASP A 129 -21.11 2.56 13.97
CA ASP A 129 -19.92 2.39 14.79
C ASP A 129 -18.63 2.32 13.95
N LEU A 130 -18.77 2.07 12.61
CA LEU A 130 -17.68 1.92 11.60
C LEU A 130 -16.75 0.73 11.93
N SER A 131 -17.29 -0.35 12.52
CA SER A 131 -16.48 -1.51 12.86
C SER A 131 -17.20 -2.82 12.58
N SER A 132 -18.47 -2.73 12.17
CA SER A 132 -19.25 -3.93 11.87
C SER A 132 -20.06 -3.76 10.59
N TRP A 133 -20.43 -4.91 9.96
CA TRP A 133 -21.21 -4.93 8.74
C TRP A 133 -22.58 -5.55 8.89
N THR A 134 -23.53 -5.05 8.09
CA THR A 134 -24.88 -5.57 7.92
C THR A 134 -24.94 -6.22 6.55
N ALA A 135 -25.00 -7.56 6.52
CA ALA A 135 -25.13 -8.38 5.32
C ALA A 135 -26.61 -8.72 5.07
N ALA A 136 -27.08 -8.54 3.82
CA ALA A 136 -28.49 -8.78 3.44
C ALA A 136 -28.91 -10.27 3.47
N ASP A 137 -28.08 -11.18 2.93
CA ASP A 137 -28.37 -12.62 2.85
C ASP A 137 -27.09 -13.44 3.05
N THR A 138 -27.16 -14.77 2.79
CA THR A 138 -26.03 -15.69 3.03
C THR A 138 -24.86 -15.41 2.05
N ALA A 139 -25.17 -14.79 0.90
CA ALA A 139 -24.19 -14.43 -0.13
C ALA A 139 -23.44 -13.17 0.31
N ALA A 140 -24.14 -12.23 0.94
CA ALA A 140 -23.48 -11.03 1.47
C ALA A 140 -22.73 -11.41 2.75
N GLN A 141 -23.04 -12.61 3.34
CA GLN A 141 -22.33 -13.09 4.53
C GLN A 141 -20.98 -13.67 4.15
N ILE A 142 -20.85 -14.16 2.92
CA ILE A 142 -19.58 -14.63 2.34
C ILE A 142 -18.64 -13.39 2.17
N THR A 143 -19.16 -12.29 1.59
CA THR A 143 -18.43 -11.01 1.40
C THR A 143 -17.96 -10.50 2.77
N GLN A 144 -18.84 -10.56 3.80
CA GLN A 144 -18.56 -10.10 5.18
C GLN A 144 -17.33 -10.77 5.81
N ARG A 145 -17.21 -12.12 5.65
CA ARG A 145 -16.11 -12.92 6.16
C ARG A 145 -14.81 -12.54 5.47
N LYS A 146 -14.86 -12.39 4.13
CA LYS A 146 -13.70 -11.95 3.35
C LYS A 146 -13.21 -10.57 3.81
N TRP A 147 -14.16 -9.64 4.03
CA TRP A 147 -13.85 -8.29 4.44
C TRP A 147 -13.39 -8.22 5.89
N GLU A 148 -13.89 -9.10 6.75
CA GLU A 148 -13.46 -9.16 8.14
C GLU A 148 -11.99 -9.67 8.19
N ALA A 149 -11.67 -10.67 7.35
CA ALA A 149 -10.32 -11.21 7.22
C ALA A 149 -9.35 -10.15 6.66
N ALA A 150 -9.86 -9.19 5.85
CA ALA A 150 -9.05 -8.15 5.19
C ALA A 150 -9.09 -6.82 5.93
N ARG A 151 -9.81 -6.77 7.06
CA ARG A 151 -9.91 -5.59 7.92
C ARG A 151 -10.43 -4.37 7.17
N VAL A 152 -11.33 -4.59 6.18
CA VAL A 152 -11.92 -3.51 5.38
C VAL A 152 -12.52 -2.38 6.27
N ALA A 153 -13.23 -2.72 7.35
CA ALA A 153 -13.93 -1.78 8.22
C ALA A 153 -12.98 -0.83 8.94
N GLU A 154 -11.87 -1.37 9.49
CA GLU A 154 -10.81 -0.60 10.18
C GLU A 154 -10.24 0.49 9.23
N GLN A 155 -9.79 0.07 8.03
CA GLN A 155 -9.22 0.91 6.98
C GLN A 155 -10.22 1.97 6.49
N LEU A 156 -11.52 1.62 6.39
CA LEU A 156 -12.51 2.62 6.02
C LEU A 156 -12.74 3.64 7.15
N ARG A 157 -12.68 3.18 8.42
CA ARG A 157 -12.82 4.05 9.59
C ARG A 157 -11.64 5.04 9.62
N ALA A 158 -10.43 4.54 9.30
CA ALA A 158 -9.23 5.38 9.23
C ALA A 158 -9.39 6.40 8.13
N TYR A 159 -10.01 6.01 6.98
CA TYR A 159 -10.24 6.88 5.85
C TYR A 159 -11.32 7.91 6.15
N LEU A 160 -12.46 7.46 6.71
CA LEU A 160 -13.57 8.34 7.03
C LEU A 160 -13.22 9.35 8.11
N GLU A 161 -12.50 8.93 9.20
CA GLU A 161 -12.10 9.82 10.28
C GLU A 161 -10.95 10.72 9.85
N GLY A 162 -10.08 10.22 8.96
CA GLY A 162 -8.91 10.94 8.51
C GLY A 162 -9.05 11.69 7.20
N LEU A 163 -8.46 11.13 6.13
CA LEU A 163 -8.39 11.64 4.74
C LEU A 163 -9.66 12.35 4.26
N CYS A 164 -10.81 11.67 4.44
CA CYS A 164 -12.11 12.09 3.99
C CYS A 164 -12.52 13.44 4.54
N VAL A 165 -12.46 13.65 5.86
CA VAL A 165 -12.86 14.92 6.49
C VAL A 165 -11.83 16.01 6.14
N GLU A 166 -10.50 15.66 6.06
CA GLU A 166 -9.44 16.60 5.69
C GLU A 166 -9.69 17.15 4.26
N TRP A 167 -9.86 16.25 3.28
CA TRP A 167 -10.13 16.66 1.90
C TRP A 167 -11.48 17.38 1.74
N LEU A 168 -12.49 16.99 2.51
CA LEU A 168 -13.78 17.68 2.42
C LEU A 168 -13.59 19.13 2.94
N ARG A 169 -12.86 19.30 4.07
CA ARG A 169 -12.53 20.61 4.64
C ARG A 169 -11.81 21.49 3.60
N ARG A 170 -10.84 20.91 2.87
CA ARG A 170 -10.09 21.57 1.81
C ARG A 170 -11.01 21.99 0.65
N TYR A 171 -11.91 21.08 0.19
CA TYR A 171 -12.83 21.38 -0.92
C TYR A 171 -13.77 22.49 -0.53
N LEU A 172 -14.25 22.47 0.73
CA LEU A 172 -15.17 23.47 1.30
C LEU A 172 -14.52 24.84 1.33
N GLU A 173 -13.21 24.90 1.65
CA GLU A 173 -12.40 26.13 1.65
C GLU A 173 -12.22 26.68 0.20
N ASN A 174 -11.72 25.86 -0.75
CA ASN A 174 -11.48 26.27 -2.15
C ASN A 174 -12.78 26.56 -2.96
N GLY A 175 -13.90 26.00 -2.51
CA GLY A 175 -15.19 26.21 -3.15
C GLY A 175 -16.18 27.02 -2.33
N LYS A 176 -15.70 27.69 -1.23
CA LYS A 176 -16.52 28.46 -0.27
C LYS A 176 -17.54 29.40 -0.93
N GLU A 177 -17.15 30.08 -2.03
CA GLU A 177 -17.98 31.03 -2.79
C GLU A 177 -19.30 30.42 -3.31
N THR A 178 -19.31 29.11 -3.62
CA THR A 178 -20.46 28.37 -4.14
C THR A 178 -20.96 27.25 -3.20
N LEU A 179 -20.05 26.66 -2.40
CA LEU A 179 -20.37 25.54 -1.51
C LEU A 179 -20.87 25.97 -0.13
N GLN A 180 -20.27 27.03 0.44
CA GLN A 180 -20.63 27.49 1.78
C GLN A 180 -21.65 28.63 1.71
N ARG A 181 -22.07 29.02 0.49
CA ARG A 181 -23.09 30.05 0.29
C ARG A 181 -24.49 29.44 0.53
N ALA A 182 -25.48 30.29 0.81
CA ALA A 182 -26.87 29.88 1.00
C ALA A 182 -27.75 30.83 0.20
N ASP A 183 -28.57 30.28 -0.70
CA ASP A 183 -29.45 31.10 -1.53
C ASP A 183 -30.92 30.85 -1.17
N PRO A 184 -31.61 31.85 -0.55
CA PRO A 184 -33.03 31.66 -0.20
C PRO A 184 -33.96 31.48 -1.41
N PRO A 185 -35.12 30.78 -1.23
CA PRO A 185 -36.04 30.58 -2.35
C PRO A 185 -36.90 31.81 -2.67
N LYS A 186 -37.41 31.89 -3.92
CA LYS A 186 -38.34 32.90 -4.43
C LYS A 186 -39.69 32.22 -4.50
N THR A 187 -40.59 32.62 -3.60
CA THR A 187 -41.89 31.97 -3.40
C THR A 187 -43.06 32.74 -3.96
N HIS A 188 -44.09 31.99 -4.42
CA HIS A 188 -45.35 32.46 -4.99
C HIS A 188 -46.33 31.28 -5.07
N VAL A 189 -47.63 31.57 -4.91
CA VAL A 189 -48.69 30.55 -4.91
C VAL A 189 -49.54 30.68 -6.18
N THR A 190 -49.93 29.52 -6.75
CA THR A 190 -50.79 29.43 -7.93
C THR A 190 -52.09 28.71 -7.54
N HIS A 191 -53.19 29.12 -8.18
CA HIS A 191 -54.54 28.61 -7.97
C HIS A 191 -55.13 28.18 -9.30
N HIS A 192 -55.62 26.92 -9.35
CA HIS A 192 -56.24 26.35 -10.54
C HIS A 192 -57.50 25.53 -10.17
N PRO A 193 -58.63 25.65 -10.93
CA PRO A 193 -59.81 24.84 -10.61
C PRO A 193 -59.74 23.44 -11.26
N VAL A 194 -59.80 22.38 -10.43
CA VAL A 194 -59.72 20.98 -10.90
C VAL A 194 -61.08 20.56 -11.53
N SER A 195 -62.20 20.74 -10.80
CA SER A 195 -63.55 20.40 -11.26
C SER A 195 -64.55 21.50 -10.86
N ASP A 196 -65.87 21.21 -10.92
CA ASP A 196 -66.93 22.16 -10.57
C ASP A 196 -66.95 22.42 -9.05
N HIS A 197 -66.57 23.66 -8.65
CA HIS A 197 -66.49 24.20 -7.28
C HIS A 197 -65.44 23.46 -6.39
N GLU A 198 -64.33 23.03 -7.02
CA GLU A 198 -63.18 22.37 -6.38
C GLU A 198 -61.89 22.93 -6.97
N ALA A 199 -60.96 23.40 -6.13
CA ALA A 199 -59.71 24.03 -6.56
C ALA A 199 -58.44 23.33 -6.07
N THR A 200 -57.30 23.67 -6.67
CA THR A 200 -55.99 23.13 -6.32
C THR A 200 -55.00 24.27 -6.09
N LEU A 201 -54.46 24.36 -4.86
CA LEU A 201 -53.47 25.37 -4.46
C LEU A 201 -52.06 24.80 -4.59
N ARG A 202 -51.21 25.47 -5.37
CA ARG A 202 -49.84 25.03 -5.60
C ARG A 202 -48.86 26.13 -5.19
N CYS A 203 -48.05 25.87 -4.16
CA CYS A 203 -47.07 26.84 -3.70
C CYS A 203 -45.70 26.51 -4.26
N TRP A 204 -45.11 27.49 -4.96
CA TRP A 204 -43.80 27.34 -5.59
C TRP A 204 -42.67 27.88 -4.75
N ALA A 205 -41.49 27.24 -4.87
CA ALA A 205 -40.20 27.62 -4.26
C ALA A 205 -39.11 27.49 -5.35
N LEU A 206 -38.46 28.60 -5.74
CA LEU A 206 -37.48 28.64 -6.85
C LEU A 206 -36.15 29.32 -6.49
N GLY A 207 -35.12 28.97 -7.25
CA GLY A 207 -33.78 29.54 -7.13
C GLY A 207 -33.06 29.32 -5.81
N PHE A 208 -33.44 28.26 -5.06
CA PHE A 208 -32.81 28.01 -3.78
C PHE A 208 -31.62 27.02 -3.85
N TYR A 209 -30.68 27.23 -2.93
CA TYR A 209 -29.49 26.42 -2.73
C TYR A 209 -29.13 26.45 -1.23
N PRO A 210 -28.86 25.28 -0.57
CA PRO A 210 -28.87 23.91 -1.09
C PRO A 210 -30.30 23.36 -1.31
N ALA A 211 -30.44 22.08 -1.73
CA ALA A 211 -31.73 21.45 -2.05
C ALA A 211 -32.61 21.13 -0.82
N GLU A 212 -32.04 21.20 0.41
CA GLU A 212 -32.74 20.93 1.67
C GLU A 212 -33.80 22.02 1.91
N ILE A 213 -35.08 21.65 1.71
CA ILE A 213 -36.24 22.52 1.88
C ILE A 213 -37.42 21.69 2.41
N THR A 214 -38.43 22.39 2.95
CA THR A 214 -39.69 21.83 3.47
C THR A 214 -40.81 22.83 3.15
N LEU A 215 -41.84 22.34 2.43
CA LEU A 215 -43.04 23.03 1.99
C LEU A 215 -44.25 22.31 2.55
N THR A 216 -45.02 22.98 3.44
CA THR A 216 -46.21 22.35 4.03
C THR A 216 -47.45 23.21 3.81
N TRP A 217 -48.63 22.58 3.75
CA TRP A 217 -49.92 23.28 3.62
C TRP A 217 -50.71 23.11 4.92
N GLN A 218 -50.99 24.23 5.61
CA GLN A 218 -51.71 24.24 6.88
C GLN A 218 -53.14 24.75 6.74
N ARG A 219 -54.12 23.95 7.17
CA ARG A 219 -55.54 24.28 7.15
C ARG A 219 -55.95 24.72 8.55
N ASP A 220 -56.34 26.01 8.67
CA ASP A 220 -56.73 26.74 9.89
C ASP A 220 -55.79 26.43 11.11
N GLY A 221 -54.50 26.28 10.80
CA GLY A 221 -53.45 26.03 11.79
C GLY A 221 -53.12 24.58 12.10
N GLU A 222 -53.44 23.63 11.19
CA GLU A 222 -53.16 22.19 11.36
C GLU A 222 -52.51 21.61 10.08
N ASP A 223 -51.41 20.84 10.25
CA ASP A 223 -50.65 20.23 9.14
C ASP A 223 -51.44 19.15 8.39
N GLN A 224 -51.73 19.40 7.10
CA GLN A 224 -52.46 18.47 6.24
C GLN A 224 -51.45 17.67 5.37
N THR A 225 -50.78 16.69 6.01
CA THR A 225 -49.74 15.83 5.42
C THR A 225 -50.29 14.97 4.28
N GLN A 226 -51.37 14.19 4.53
CA GLN A 226 -51.95 13.35 3.48
C GLN A 226 -53.22 14.00 2.92
N ASP A 227 -53.05 14.60 1.74
CA ASP A 227 -53.99 15.33 0.86
C ASP A 227 -53.13 16.17 -0.10
N THR A 228 -51.83 16.29 0.27
CA THR A 228 -50.82 17.06 -0.44
C THR A 228 -50.19 16.27 -1.61
N GLU A 229 -49.63 17.02 -2.57
CA GLU A 229 -48.90 16.56 -3.73
C GLU A 229 -47.52 17.18 -3.62
N LEU A 230 -46.61 16.50 -2.92
CA LEU A 230 -45.23 16.98 -2.72
C LEU A 230 -44.32 16.43 -3.82
N VAL A 231 -44.04 17.27 -4.85
CA VAL A 231 -43.21 16.91 -6.00
C VAL A 231 -41.72 16.84 -5.58
N GLU A 232 -40.93 16.04 -6.31
CA GLU A 232 -39.50 15.84 -6.05
C GLU A 232 -38.70 17.13 -6.31
N THR A 233 -37.65 17.39 -5.50
CA THR A 233 -36.78 18.57 -5.68
C THR A 233 -36.01 18.35 -6.97
N ARG A 234 -36.02 19.38 -7.84
CA ARG A 234 -35.39 19.27 -9.14
C ARG A 234 -34.30 20.33 -9.33
N PRO A 235 -33.21 20.00 -10.06
CA PRO A 235 -32.15 21.00 -10.27
C PRO A 235 -32.55 21.97 -11.38
N ALA A 236 -32.17 23.24 -11.23
CA ALA A 236 -32.52 24.23 -12.23
C ALA A 236 -31.58 24.15 -13.46
N GLY A 237 -30.33 23.77 -13.22
CA GLY A 237 -29.29 23.73 -14.23
C GLY A 237 -28.24 24.78 -13.91
N ASP A 238 -28.69 25.90 -13.29
CA ASP A 238 -27.85 27.01 -12.84
C ASP A 238 -27.36 26.76 -11.39
N ARG A 239 -27.24 25.47 -11.01
CA ARG A 239 -26.80 24.95 -9.70
C ARG A 239 -27.79 25.23 -8.55
N THR A 240 -28.94 25.90 -8.81
CA THR A 240 -29.97 26.11 -7.78
C THR A 240 -31.06 25.02 -7.96
N PHE A 241 -32.06 25.00 -7.06
CA PHE A 241 -33.11 23.99 -7.04
C PHE A 241 -34.51 24.59 -7.03
N GLN A 242 -35.51 23.74 -7.37
CA GLN A 242 -36.92 24.12 -7.39
C GLN A 242 -37.84 23.01 -6.88
N LYS A 243 -38.93 23.40 -6.20
CA LYS A 243 -39.94 22.50 -5.64
C LYS A 243 -41.32 23.19 -5.56
N TRP A 244 -42.38 22.38 -5.49
CA TRP A 244 -43.75 22.84 -5.30
C TRP A 244 -44.55 21.81 -4.48
N ALA A 245 -45.60 22.29 -3.82
CA ALA A 245 -46.52 21.50 -3.02
C ALA A 245 -47.95 21.88 -3.37
N ALA A 246 -48.80 20.88 -3.65
CA ALA A 246 -50.20 21.12 -4.04
C ALA A 246 -51.18 20.50 -3.07
N VAL A 247 -52.42 21.07 -2.99
CA VAL A 247 -53.50 20.58 -2.12
C VAL A 247 -54.86 20.75 -2.81
N VAL A 248 -55.73 19.72 -2.69
CA VAL A 248 -57.09 19.72 -3.23
C VAL A 248 -57.95 20.50 -2.21
N VAL A 249 -58.38 21.71 -2.59
CA VAL A 249 -59.09 22.63 -1.72
C VAL A 249 -60.52 22.97 -2.23
N PRO A 250 -61.58 22.80 -1.38
CA PRO A 250 -62.93 23.23 -1.82
C PRO A 250 -63.08 24.76 -1.69
N SER A 251 -63.90 25.38 -2.56
CA SER A 251 -64.14 26.83 -2.60
C SER A 251 -64.55 27.40 -1.23
N GLY A 252 -65.50 26.73 -0.56
CA GLY A 252 -66.02 27.01 0.77
C GLY A 252 -66.26 28.43 1.25
N GLU A 253 -66.34 29.42 0.32
CA GLU A 253 -66.59 30.86 0.56
C GLU A 253 -65.51 31.58 1.46
N GLU A 254 -64.41 30.87 1.86
CA GLU A 254 -63.34 31.42 2.72
C GLU A 254 -61.96 30.79 2.40
N GLN A 255 -60.87 31.36 2.97
CA GLN A 255 -59.50 30.88 2.75
C GLN A 255 -58.79 30.60 4.09
N ARG A 256 -58.74 29.31 4.47
CA ARG A 256 -58.15 28.80 5.71
C ARG A 256 -56.80 28.08 5.49
N TYR A 257 -56.34 28.00 4.21
CA TYR A 257 -55.10 27.32 3.80
C TYR A 257 -53.92 28.27 3.64
N THR A 258 -52.75 27.87 4.20
CA THR A 258 -51.49 28.63 4.14
C THR A 258 -50.32 27.69 3.89
N CYS A 259 -49.30 28.18 3.18
CA CYS A 259 -48.11 27.39 2.89
C CYS A 259 -46.94 27.89 3.70
N HIS A 260 -46.13 26.97 4.22
CA HIS A 260 -44.98 27.27 5.06
C HIS A 260 -43.68 26.80 4.40
N VAL A 261 -42.75 27.73 4.27
CA VAL A 261 -41.44 27.50 3.66
C VAL A 261 -40.36 27.64 4.72
N GLN A 262 -39.47 26.65 4.83
CA GLN A 262 -38.34 26.69 5.74
C GLN A 262 -37.09 26.32 4.95
N HIS A 263 -36.12 27.22 4.95
CA HIS A 263 -34.87 27.06 4.23
C HIS A 263 -33.76 27.78 4.99
N GLU A 264 -32.53 27.21 4.96
CA GLU A 264 -31.33 27.75 5.61
C GLU A 264 -31.00 29.18 5.16
N GLY A 265 -31.35 29.53 3.93
CA GLY A 265 -31.13 30.85 3.36
C GLY A 265 -32.13 31.91 3.81
N LEU A 266 -33.16 31.49 4.59
CA LEU A 266 -34.20 32.39 5.10
C LEU A 266 -33.92 32.76 6.55
N PRO A 267 -33.86 34.07 6.91
CA PRO A 267 -33.60 34.43 8.32
C PRO A 267 -34.81 34.15 9.20
N LYS A 268 -35.99 34.02 8.57
CA LYS A 268 -37.25 33.73 9.25
C LYS A 268 -38.14 32.89 8.29
N PRO A 269 -38.83 31.84 8.79
CA PRO A 269 -39.70 31.05 7.90
C PRO A 269 -40.85 31.88 7.31
N LEU A 270 -41.15 31.63 6.03
CA LEU A 270 -42.21 32.31 5.28
C LEU A 270 -43.56 31.64 5.44
N THR A 271 -44.63 32.46 5.41
CA THR A 271 -46.03 32.01 5.46
C THR A 271 -46.72 32.74 4.31
N LEU A 272 -47.17 31.98 3.30
CA LEU A 272 -47.83 32.53 2.12
C LEU A 272 -49.27 32.02 1.97
N ARG A 273 -50.07 32.82 1.28
CA ARG A 273 -51.49 32.58 1.01
C ARG A 273 -51.78 33.05 -0.41
N TRP A 274 -52.86 32.54 -1.04
CA TRP A 274 -53.26 32.92 -2.39
C TRP A 274 -53.77 34.37 -2.40
N GLU A 275 -53.05 35.24 -3.12
CA GLU A 275 -53.34 36.67 -3.27
C GLU A 275 -53.85 36.92 -4.71
N PRO A 276 -55.20 36.90 -4.94
CA PRO A 276 -55.71 37.10 -6.30
C PRO A 276 -55.73 38.59 -6.72
N ILE B 1 -37.62 -5.58 -9.08
CA ILE B 1 -36.28 -5.48 -9.66
C ILE B 1 -36.15 -4.15 -10.49
N GLN B 2 -37.16 -3.85 -11.33
CA GLN B 2 -37.18 -2.67 -12.21
C GLN B 2 -38.05 -1.57 -11.65
N ARG B 3 -37.64 -0.32 -11.90
CA ARG B 3 -38.33 0.88 -11.43
C ARG B 3 -38.55 1.81 -12.59
N THR B 4 -39.79 2.32 -12.72
CA THR B 4 -40.24 3.21 -13.79
C THR B 4 -39.74 4.63 -13.53
N PRO B 5 -39.26 5.36 -14.57
CA PRO B 5 -38.78 6.71 -14.32
C PRO B 5 -39.90 7.70 -14.04
N LYS B 6 -39.64 8.56 -13.08
CA LYS B 6 -40.52 9.67 -12.74
C LYS B 6 -39.99 10.83 -13.58
N ILE B 7 -40.83 11.44 -14.39
CA ILE B 7 -40.32 12.51 -15.24
C ILE B 7 -41.03 13.85 -14.90
N GLN B 8 -40.28 14.97 -14.99
CA GLN B 8 -40.76 16.36 -14.80
C GLN B 8 -40.26 17.27 -15.95
N VAL B 9 -41.18 18.02 -16.61
CA VAL B 9 -40.85 18.98 -17.69
C VAL B 9 -41.11 20.41 -17.15
N TYR B 10 -40.08 21.24 -17.16
CA TYR B 10 -40.14 22.58 -16.62
C TYR B 10 -39.02 23.46 -17.22
N SER B 11 -38.99 24.76 -16.85
CA SER B 11 -37.97 25.68 -17.33
C SER B 11 -37.06 26.15 -16.19
N ARG B 12 -35.79 26.50 -16.52
CA ARG B 12 -34.76 26.98 -15.59
C ARG B 12 -35.23 28.21 -14.80
N HIS B 13 -35.89 29.16 -15.50
CA HIS B 13 -36.46 30.40 -14.96
C HIS B 13 -37.96 30.46 -15.32
N PRO B 14 -38.80 31.30 -14.64
CA PRO B 14 -40.23 31.37 -15.01
C PRO B 14 -40.41 31.83 -16.47
N ALA B 15 -41.32 31.16 -17.16
CA ALA B 15 -41.61 31.32 -18.58
C ALA B 15 -42.09 32.73 -18.98
N GLU B 16 -41.24 33.44 -19.74
CA GLU B 16 -41.55 34.77 -20.27
C GLU B 16 -41.35 34.73 -21.80
N ASN B 17 -42.47 34.84 -22.55
CA ASN B 17 -42.49 34.82 -24.01
C ASN B 17 -41.53 35.87 -24.57
N GLY B 18 -40.66 35.46 -25.48
CA GLY B 18 -39.68 36.35 -26.08
C GLY B 18 -38.34 36.39 -25.38
N LYS B 19 -38.27 36.01 -24.08
CA LYS B 19 -36.98 35.98 -23.34
C LYS B 19 -36.36 34.57 -23.41
N SER B 20 -35.03 34.51 -23.61
CA SER B 20 -34.28 33.25 -23.70
C SER B 20 -34.16 32.56 -22.32
N ASN B 21 -34.45 31.26 -22.31
CA ASN B 21 -34.46 30.37 -21.15
C ASN B 21 -33.85 28.99 -21.56
N PHE B 22 -34.08 27.96 -20.71
CA PHE B 22 -33.66 26.58 -20.88
C PHE B 22 -34.81 25.65 -20.54
N LEU B 23 -35.12 24.72 -21.42
CA LEU B 23 -36.14 23.71 -21.18
C LEU B 23 -35.45 22.51 -20.54
N ASN B 24 -35.94 22.14 -19.34
CA ASN B 24 -35.40 21.04 -18.54
C ASN B 24 -36.33 19.84 -18.54
N CYS B 25 -35.72 18.66 -18.56
CA CYS B 25 -36.40 17.40 -18.40
C CYS B 25 -35.63 16.53 -17.37
N TYR B 26 -36.20 16.44 -16.16
CA TYR B 26 -35.61 15.67 -15.07
C TYR B 26 -36.25 14.31 -15.07
N VAL B 27 -35.41 13.28 -15.24
CA VAL B 27 -35.83 11.88 -15.29
C VAL B 27 -35.14 11.18 -14.11
N SER B 28 -35.95 10.65 -13.18
CA SER B 28 -35.44 10.09 -11.93
C SER B 28 -36.18 8.82 -11.44
N GLY B 29 -35.58 8.15 -10.47
CA GLY B 29 -36.17 6.98 -9.81
C GLY B 29 -36.29 5.74 -10.66
N PHE B 30 -35.43 5.60 -11.66
CA PHE B 30 -35.49 4.42 -12.54
C PHE B 30 -34.33 3.47 -12.30
N HIS B 31 -34.59 2.21 -12.59
CA HIS B 31 -33.66 1.10 -12.52
C HIS B 31 -34.04 0.09 -13.60
N PRO B 32 -33.12 -0.34 -14.47
CA PRO B 32 -31.67 -0.04 -14.55
C PRO B 32 -31.37 1.27 -15.29
N SER B 33 -30.09 1.69 -15.30
CA SER B 33 -29.58 2.97 -15.81
C SER B 33 -29.88 3.27 -17.29
N ASP B 34 -29.95 2.27 -18.17
CA ASP B 34 -30.25 2.49 -19.59
C ASP B 34 -31.61 3.19 -19.79
N ILE B 35 -31.55 4.42 -20.28
CA ILE B 35 -32.71 5.28 -20.53
C ILE B 35 -32.48 6.09 -21.82
N GLU B 36 -33.57 6.39 -22.54
CA GLU B 36 -33.62 7.21 -23.75
C GLU B 36 -34.56 8.42 -23.51
N VAL B 37 -34.00 9.64 -23.55
CA VAL B 37 -34.77 10.88 -23.32
C VAL B 37 -34.56 11.85 -24.49
N ASP B 38 -35.69 12.41 -25.02
CA ASP B 38 -35.78 13.37 -26.13
C ASP B 38 -36.69 14.57 -25.79
N LEU B 39 -36.22 15.77 -26.13
CA LEU B 39 -37.00 17.00 -25.94
C LEU B 39 -37.71 17.36 -27.26
N LEU B 40 -39.04 17.53 -27.22
CA LEU B 40 -39.86 17.79 -28.42
C LEU B 40 -40.47 19.19 -28.52
N LYS B 41 -40.35 19.81 -29.71
CA LYS B 41 -40.93 21.10 -30.09
C LYS B 41 -42.00 20.80 -31.12
N ASN B 42 -43.28 20.91 -30.70
CA ASN B 42 -44.50 20.66 -31.49
C ASN B 42 -44.59 19.16 -31.97
N GLY B 43 -44.02 18.26 -31.17
CA GLY B 43 -44.00 16.82 -31.48
C GLY B 43 -42.82 16.41 -32.32
N GLU B 44 -41.87 17.32 -32.56
CA GLU B 44 -40.65 17.09 -33.33
C GLU B 44 -39.44 17.22 -32.41
N ARG B 45 -38.55 16.22 -32.43
CA ARG B 45 -37.33 16.14 -31.62
C ARG B 45 -36.38 17.34 -31.85
N ILE B 46 -35.73 17.83 -30.77
CA ILE B 46 -34.72 18.89 -30.77
C ILE B 46 -33.36 18.18 -30.87
N GLU B 47 -32.48 18.67 -31.76
CA GLU B 47 -31.20 18.05 -32.08
C GLU B 47 -30.12 18.22 -30.99
N LYS B 48 -29.49 19.40 -30.87
CA LYS B 48 -28.38 19.64 -29.95
C LYS B 48 -28.87 19.77 -28.49
N VAL B 49 -29.21 18.63 -27.86
CA VAL B 49 -29.71 18.53 -26.49
C VAL B 49 -28.59 18.02 -25.57
N GLU B 50 -28.32 18.72 -24.47
CA GLU B 50 -27.29 18.30 -23.52
C GLU B 50 -27.89 17.58 -22.31
N HIS B 51 -27.03 16.96 -21.47
CA HIS B 51 -27.44 16.25 -20.26
C HIS B 51 -26.32 16.17 -19.23
N SER B 52 -26.71 16.11 -17.95
CA SER B 52 -25.77 15.93 -16.84
C SER B 52 -25.24 14.48 -16.81
N ASP B 53 -24.12 14.26 -16.10
CA ASP B 53 -23.51 12.94 -15.97
C ASP B 53 -24.36 12.12 -15.02
N LEU B 54 -24.97 11.02 -15.54
CA LEU B 54 -25.80 10.04 -14.80
C LEU B 54 -25.23 9.71 -13.42
N SER B 55 -26.10 9.65 -12.40
CA SER B 55 -25.72 9.29 -11.04
C SER B 55 -26.91 8.64 -10.35
N PHE B 56 -26.78 8.29 -9.06
CA PHE B 56 -27.86 7.58 -8.41
C PHE B 56 -28.06 8.05 -7.03
N SER B 57 -29.27 7.80 -6.51
CA SER B 57 -29.74 8.19 -5.18
C SER B 57 -29.51 7.11 -4.13
N LYS B 58 -29.82 7.47 -2.85
CA LYS B 58 -29.75 6.65 -1.63
C LYS B 58 -30.54 5.37 -1.78
N ASP B 59 -31.66 5.44 -2.49
CA ASP B 59 -32.56 4.30 -2.74
C ASP B 59 -32.03 3.40 -3.90
N TRP B 60 -30.88 3.77 -4.46
CA TRP B 60 -30.09 3.12 -5.53
C TRP B 60 -30.63 3.41 -6.94
N SER B 61 -31.72 4.19 -7.06
CA SER B 61 -32.32 4.50 -8.35
C SER B 61 -31.53 5.61 -9.07
N PHE B 62 -31.56 5.59 -10.43
CA PHE B 62 -30.82 6.52 -11.24
C PHE B 62 -31.61 7.77 -11.57
N TYR B 63 -30.89 8.87 -11.86
CA TYR B 63 -31.48 10.16 -12.20
C TYR B 63 -30.53 10.96 -13.09
N LEU B 64 -31.09 11.84 -13.92
CA LEU B 64 -30.31 12.77 -14.75
C LEU B 64 -31.20 13.86 -15.37
N LEU B 65 -30.56 14.99 -15.68
CA LEU B 65 -31.23 16.15 -16.25
C LEU B 65 -30.87 16.33 -17.71
N TYR B 66 -31.91 16.49 -18.53
CA TYR B 66 -31.81 16.85 -19.94
C TYR B 66 -32.20 18.30 -20.09
N TYR B 67 -31.40 19.08 -20.85
CA TYR B 67 -31.67 20.50 -21.03
C TYR B 67 -31.19 21.07 -22.38
N THR B 68 -31.97 22.06 -22.91
CA THR B 68 -31.68 22.82 -24.14
C THR B 68 -32.17 24.29 -24.06
N GLU B 69 -31.41 25.23 -24.69
CA GLU B 69 -31.77 26.65 -24.77
C GLU B 69 -32.98 26.81 -25.66
N PHE B 70 -33.90 27.70 -25.26
CA PHE B 70 -35.13 27.94 -26.01
C PHE B 70 -35.73 29.29 -25.66
N THR B 71 -36.58 29.80 -26.55
CA THR B 71 -37.35 31.02 -26.33
C THR B 71 -38.82 30.57 -26.44
N PRO B 72 -39.62 30.63 -25.33
CA PRO B 72 -41.01 30.16 -25.42
C PRO B 72 -41.93 31.17 -26.09
N THR B 73 -43.07 30.69 -26.63
CA THR B 73 -44.12 31.48 -27.30
C THR B 73 -45.49 30.98 -26.80
N GLU B 74 -46.60 31.42 -27.43
CA GLU B 74 -47.94 30.99 -27.04
C GLU B 74 -48.49 29.95 -28.04
N LYS B 75 -47.76 29.71 -29.15
CA LYS B 75 -48.14 28.77 -30.22
C LYS B 75 -47.28 27.49 -30.19
N ASP B 76 -45.98 27.63 -29.86
CA ASP B 76 -45.05 26.49 -29.81
C ASP B 76 -45.25 25.69 -28.54
N GLU B 77 -45.57 24.39 -28.72
CA GLU B 77 -45.82 23.45 -27.64
C GLU B 77 -44.58 22.56 -27.39
N TYR B 78 -44.08 22.60 -26.15
CA TYR B 78 -42.90 21.80 -25.77
C TYR B 78 -43.32 20.58 -24.96
N ALA B 79 -42.61 19.47 -25.16
CA ALA B 79 -42.88 18.21 -24.49
C ALA B 79 -41.59 17.39 -24.35
N CYS B 80 -41.68 16.25 -23.65
CA CYS B 80 -40.52 15.37 -23.47
C CYS B 80 -40.93 13.92 -23.65
N ARG B 81 -40.07 13.14 -24.35
CA ARG B 81 -40.29 11.71 -24.64
C ARG B 81 -39.24 10.83 -23.93
N VAL B 82 -39.73 9.83 -23.17
CA VAL B 82 -38.88 8.94 -22.39
C VAL B 82 -39.09 7.47 -22.79
N ASN B 83 -37.95 6.71 -22.86
CA ASN B 83 -37.91 5.29 -23.13
C ASN B 83 -37.03 4.57 -22.11
N HIS B 84 -37.57 3.52 -21.52
CA HIS B 84 -36.97 2.64 -20.50
C HIS B 84 -37.63 1.24 -20.67
N VAL B 85 -36.91 0.14 -20.32
CA VAL B 85 -37.36 -1.27 -20.45
C VAL B 85 -38.68 -1.55 -19.73
N THR B 86 -39.00 -0.70 -18.75
CA THR B 86 -40.14 -0.74 -17.87
C THR B 86 -41.37 -0.13 -18.58
N LEU B 87 -41.14 0.67 -19.64
CA LEU B 87 -42.17 1.37 -20.41
C LEU B 87 -42.50 0.62 -21.68
N SER B 88 -43.75 0.11 -21.77
CA SER B 88 -44.30 -0.64 -22.90
C SER B 88 -44.35 0.23 -24.17
N GLN B 89 -44.54 1.55 -23.98
CA GLN B 89 -44.62 2.57 -25.02
C GLN B 89 -43.89 3.86 -24.57
N PRO B 90 -43.33 4.68 -25.50
CA PRO B 90 -42.66 5.93 -25.07
C PRO B 90 -43.59 6.86 -24.29
N LYS B 91 -43.13 7.30 -23.11
CA LYS B 91 -43.88 8.17 -22.22
C LYS B 91 -43.58 9.63 -22.58
N ILE B 92 -44.64 10.40 -22.96
CA ILE B 92 -44.56 11.81 -23.33
C ILE B 92 -45.28 12.66 -22.27
N VAL B 93 -44.60 13.69 -21.75
CA VAL B 93 -45.18 14.58 -20.76
C VAL B 93 -44.91 16.02 -21.24
N LYS B 94 -45.99 16.78 -21.40
CA LYS B 94 -46.00 18.13 -21.97
C LYS B 94 -45.49 19.18 -20.99
N TRP B 95 -44.88 20.25 -21.53
CA TRP B 95 -44.44 21.37 -20.73
C TRP B 95 -45.61 22.31 -20.46
N ASP B 96 -46.04 22.38 -19.20
CA ASP B 96 -47.09 23.28 -18.71
C ASP B 96 -46.45 24.37 -17.86
N ARG B 97 -46.32 25.59 -18.42
CA ARG B 97 -45.70 26.74 -17.74
C ARG B 97 -46.56 27.26 -16.56
N ASP B 98 -47.90 27.13 -16.67
CA ASP B 98 -48.83 27.55 -15.64
C ASP B 98 -49.23 26.32 -14.83
N MET B 99 -48.24 25.71 -14.15
CA MET B 99 -48.43 24.52 -13.31
C MET B 99 -48.81 24.95 -11.89
N HIS C 1 -11.23 13.23 -2.30
CA HIS C 1 -10.23 12.20 -2.59
C HIS C 1 -10.83 10.80 -2.30
N PRO C 2 -10.87 9.87 -3.26
CA PRO C 2 -11.39 8.52 -2.93
C PRO C 2 -10.44 7.73 -2.01
N VAL C 3 -10.89 6.54 -1.58
CA VAL C 3 -10.11 5.63 -0.76
C VAL C 3 -9.52 4.58 -1.69
N GLY C 4 -8.30 4.18 -1.36
CA GLY C 4 -7.62 3.12 -2.07
C GLY C 4 -7.97 1.83 -1.38
N GLN C 5 -8.38 0.86 -2.18
CA GLN C 5 -8.71 -0.48 -1.73
C GLN C 5 -7.43 -1.28 -1.69
N ALA C 6 -7.16 -1.92 -0.54
CA ALA C 6 -5.98 -2.78 -0.42
C ALA C 6 -6.28 -4.10 -1.13
N ASP C 7 -5.43 -5.10 -0.98
CA ASP C 7 -5.58 -6.39 -1.61
C ASP C 7 -6.73 -7.17 -0.91
N TYR C 8 -7.39 -8.11 -1.64
CA TYR C 8 -8.49 -8.95 -1.14
C TYR C 8 -9.67 -8.10 -0.67
N PHE C 9 -9.97 -7.00 -1.38
CA PHE C 9 -11.09 -6.10 -1.00
C PHE C 9 -12.34 -6.41 -1.83
N GLU C 10 -12.26 -7.42 -2.73
CA GLU C 10 -13.34 -7.90 -3.61
C GLU C 10 -14.58 -8.36 -2.82
N TYR C 11 -15.74 -8.41 -3.48
CA TYR C 11 -16.98 -8.91 -2.89
C TYR C 11 -16.91 -10.46 -2.87
N GLN D 1 9.05 10.94 1.90
CA GLN D 1 7.89 10.09 2.20
C GLN D 1 8.19 9.26 3.49
N VAL D 2 9.31 8.51 3.53
CA VAL D 2 9.74 7.78 4.74
C VAL D 2 11.24 7.99 5.01
N THR D 3 11.61 8.60 6.14
CA THR D 3 13.01 8.79 6.50
C THR D 3 13.24 8.30 7.90
N GLN D 4 14.27 7.44 8.07
CA GLN D 4 14.71 6.86 9.32
C GLN D 4 15.97 7.57 9.86
N SER D 5 16.06 7.71 11.17
CA SER D 5 17.13 8.38 11.87
C SER D 5 17.43 7.66 13.20
N PRO D 6 18.73 7.39 13.51
CA PRO D 6 19.93 7.68 12.72
C PRO D 6 20.20 6.55 11.71
N GLU D 7 21.07 6.78 10.69
CA GLU D 7 21.37 5.73 9.71
C GLU D 7 22.19 4.58 10.35
N ALA D 8 22.91 4.89 11.43
CA ALA D 8 23.73 3.94 12.17
C ALA D 8 23.65 4.23 13.66
N LEU D 9 23.50 3.17 14.46
CA LEU D 9 23.47 3.20 15.91
C LEU D 9 24.59 2.38 16.43
N ARG D 10 25.35 3.00 17.34
CA ARG D 10 26.49 2.35 17.97
C ARG D 10 26.19 2.35 19.47
N LEU D 11 25.63 1.23 19.95
CA LEU D 11 25.18 1.07 21.33
C LEU D 11 26.03 0.15 22.11
N GLN D 12 26.11 0.44 23.41
CA GLN D 12 26.78 -0.42 24.36
C GLN D 12 25.71 -1.38 24.87
N GLU D 13 26.09 -2.62 25.16
CA GLU D 13 25.15 -3.59 25.72
C GLU D 13 24.46 -2.97 26.98
N GLY D 14 23.15 -3.16 27.09
CA GLY D 14 22.33 -2.65 28.16
C GLY D 14 21.91 -1.20 28.03
N GLU D 15 22.44 -0.46 27.01
CA GLU D 15 22.18 0.97 26.81
C GLU D 15 20.98 1.21 25.87
N SER D 16 19.81 1.47 26.45
CA SER D 16 18.58 1.73 25.72
C SER D 16 18.68 2.90 24.76
N SER D 17 17.96 2.78 23.64
CA SER D 17 17.86 3.80 22.61
C SER D 17 16.55 3.66 21.85
N SER D 18 16.09 4.75 21.22
CA SER D 18 14.87 4.74 20.41
C SER D 18 15.15 5.23 18.97
N LEU D 19 14.92 4.35 17.99
CA LEU D 19 15.05 4.55 16.54
C LEU D 19 13.85 5.32 16.02
N ASN D 20 14.07 6.33 15.18
CA ASN D 20 13.04 7.22 14.64
C ASN D 20 12.67 6.87 13.19
N CYS D 21 11.43 7.17 12.84
CA CYS D 21 10.88 6.98 11.52
C CYS D 21 9.89 8.07 11.24
N SER D 22 10.25 8.97 10.33
CA SER D 22 9.38 10.07 9.91
C SER D 22 8.65 9.67 8.66
N TYR D 23 7.36 9.98 8.56
CA TYR D 23 6.65 9.57 7.36
C TYR D 23 5.68 10.65 6.87
N THR D 24 5.35 10.63 5.56
CA THR D 24 4.34 11.53 4.99
C THR D 24 3.51 10.70 4.02
N VAL D 25 2.21 10.71 4.22
CA VAL D 25 1.24 9.97 3.41
C VAL D 25 0.00 10.84 3.23
N SER D 26 -0.87 10.50 2.24
CA SER D 26 -2.17 11.14 2.07
C SER D 26 -2.98 10.80 3.36
N GLY D 27 -2.88 9.54 3.79
CA GLY D 27 -3.52 8.99 4.98
C GLY D 27 -2.93 7.64 5.29
N LEU D 28 -2.70 7.38 6.56
CA LEU D 28 -2.02 6.17 7.01
C LEU D 28 -2.90 4.93 7.03
N ARG D 29 -2.43 3.86 6.37
CA ARG D 29 -3.13 2.58 6.33
C ARG D 29 -2.55 1.70 7.42
N GLY D 30 -1.22 1.58 7.44
CA GLY D 30 -0.44 0.84 8.42
C GLY D 30 1.04 1.21 8.39
N LEU D 31 1.67 1.26 9.56
CA LEU D 31 3.10 1.49 9.67
C LEU D 31 3.73 0.19 10.12
N PHE D 32 4.79 -0.23 9.44
CA PHE D 32 5.45 -1.51 9.72
C PHE D 32 6.90 -1.32 10.15
N TRP D 33 7.37 -2.24 10.99
CA TRP D 33 8.75 -2.40 11.44
C TRP D 33 9.18 -3.79 11.08
N TYR D 34 10.33 -3.89 10.41
CA TYR D 34 10.99 -5.11 10.00
C TYR D 34 12.41 -5.09 10.54
N ARG D 35 12.95 -6.26 10.67
CA ARG D 35 14.30 -6.50 11.12
C ARG D 35 14.98 -7.22 10.00
N GLN D 36 16.14 -6.75 9.60
CA GLN D 36 16.80 -7.41 8.52
C GLN D 36 18.24 -7.76 8.95
N ASP D 37 18.53 -9.05 9.01
CA ASP D 37 19.86 -9.53 9.31
C ASP D 37 20.67 -9.59 7.98
N PRO D 38 22.02 -9.46 8.00
CA PRO D 38 22.77 -9.52 6.73
C PRO D 38 22.58 -10.89 6.07
N GLY D 39 22.31 -10.89 4.76
CA GLY D 39 22.05 -12.08 3.97
C GLY D 39 20.56 -12.30 3.75
N LYS D 40 19.82 -12.50 4.88
CA LYS D 40 18.39 -12.75 4.93
C LYS D 40 17.54 -11.54 4.49
N GLY D 41 16.24 -11.78 4.30
CA GLY D 41 15.27 -10.76 3.91
C GLY D 41 14.54 -10.15 5.11
N PRO D 42 13.72 -9.10 4.89
CA PRO D 42 13.08 -8.44 6.03
C PRO D 42 12.09 -9.35 6.74
N GLU D 43 12.21 -9.41 8.09
CA GLU D 43 11.40 -10.23 9.01
C GLU D 43 10.45 -9.30 9.74
N PHE D 44 9.13 -9.60 9.72
CA PHE D 44 8.10 -8.75 10.34
C PHE D 44 8.24 -8.67 11.87
N LEU D 45 8.13 -7.45 12.45
CA LEU D 45 8.15 -7.20 13.90
C LEU D 45 6.78 -6.72 14.38
N PHE D 46 6.30 -5.59 13.86
CA PHE D 46 5.01 -4.99 14.26
C PHE D 46 4.34 -4.18 13.17
N THR D 47 3.01 -3.98 13.34
CA THR D 47 2.22 -3.11 12.49
C THR D 47 1.42 -2.21 13.44
N LEU D 48 1.52 -0.88 13.24
CA LEU D 48 0.81 0.15 14.01
C LEU D 48 -0.18 0.73 13.06
N TYR D 49 -1.33 1.21 13.55
CA TYR D 49 -2.40 1.71 12.69
C TYR D 49 -2.91 3.10 13.05
N SER D 50 -2.95 3.41 14.34
CA SER D 50 -3.46 4.72 14.78
C SER D 50 -2.53 5.38 15.78
N ALA D 51 -2.56 6.73 15.81
CA ALA D 51 -1.78 7.55 16.72
C ALA D 51 -2.05 7.14 18.17
N GLY D 52 -0.97 7.05 18.94
CA GLY D 52 -1.01 6.66 20.35
C GLY D 52 -1.00 5.16 20.56
N GLU D 53 -1.06 4.37 19.46
CA GLU D 53 -1.04 2.89 19.54
C GLU D 53 0.38 2.41 19.85
N GLU D 54 0.52 1.58 20.89
CA GLU D 54 1.81 1.00 21.27
C GLU D 54 1.75 -0.53 21.14
N LYS D 55 2.84 -1.17 20.71
CA LYS D 55 2.97 -2.64 20.60
C LYS D 55 4.32 -3.02 21.18
N GLU D 56 4.39 -4.14 21.89
CA GLU D 56 5.59 -4.56 22.60
C GLU D 56 5.81 -6.04 22.50
N LYS D 57 7.03 -6.42 22.15
CA LYS D 57 7.47 -7.79 22.11
C LYS D 57 8.89 -7.85 22.59
N GLU D 58 9.03 -8.46 23.79
CA GLU D 58 10.27 -8.75 24.51
C GLU D 58 11.02 -7.44 24.76
N ARG D 59 12.21 -7.26 24.15
CA ARG D 59 12.95 -6.02 24.39
C ARG D 59 12.55 -4.86 23.47
N LEU D 60 11.63 -5.08 22.51
CA LEU D 60 11.24 -4.02 21.55
C LEU D 60 9.87 -3.43 21.80
N LYS D 61 9.74 -2.13 21.65
CA LYS D 61 8.44 -1.46 21.82
C LYS D 61 8.25 -0.42 20.72
N ALA D 62 7.19 -0.53 19.97
CA ALA D 62 6.96 0.43 18.91
C ALA D 62 5.81 1.33 19.28
N THR D 63 5.88 2.60 18.89
CA THR D 63 4.88 3.63 19.19
C THR D 63 4.65 4.48 17.96
N LEU D 64 3.43 5.06 17.84
CA LEU D 64 3.04 5.85 16.68
C LEU D 64 2.35 7.15 17.01
N THR D 65 2.73 8.21 16.29
CA THR D 65 2.16 9.55 16.32
C THR D 65 1.71 9.89 14.88
N LYS D 66 1.12 11.09 14.67
CA LYS D 66 0.66 11.55 13.36
C LYS D 66 1.82 11.83 12.36
N LYS D 67 3.05 12.03 12.88
CA LYS D 67 4.25 12.37 12.10
C LYS D 67 5.36 11.31 12.16
N GLU D 68 5.43 10.55 13.26
CA GLU D 68 6.52 9.58 13.41
C GLU D 68 6.14 8.32 14.17
N SER D 69 7.06 7.36 14.12
CA SER D 69 7.02 6.11 14.85
C SER D 69 8.35 5.93 15.51
N PHE D 70 8.33 5.39 16.72
CA PHE D 70 9.56 5.08 17.40
C PHE D 70 9.66 3.62 17.68
N LEU D 71 10.85 3.04 17.49
CA LEU D 71 11.08 1.69 17.91
C LEU D 71 12.07 1.79 19.09
N HIS D 72 11.57 1.65 20.33
CA HIS D 72 12.39 1.72 21.53
C HIS D 72 12.94 0.35 21.83
N ILE D 73 14.25 0.26 22.00
CA ILE D 73 14.91 -0.98 22.37
C ILE D 73 15.45 -0.81 23.79
N THR D 74 14.94 -1.62 24.73
CA THR D 74 15.32 -1.56 26.15
C THR D 74 16.43 -2.57 26.42
N ALA D 75 17.51 -2.11 27.06
CA ALA D 75 18.69 -2.90 27.45
C ALA D 75 19.11 -3.85 26.32
N PRO D 76 19.58 -3.31 25.16
CA PRO D 76 19.92 -4.18 24.03
C PRO D 76 21.06 -5.15 24.32
N LYS D 77 20.96 -6.33 23.70
CA LYS D 77 21.97 -7.38 23.79
C LYS D 77 22.68 -7.45 22.42
N PRO D 78 23.89 -8.05 22.29
CA PRO D 78 24.55 -8.08 20.95
C PRO D 78 23.75 -8.80 19.85
N GLU D 79 22.81 -9.69 20.22
CA GLU D 79 21.97 -10.44 19.25
C GLU D 79 20.80 -9.56 18.71
N ASP D 80 20.70 -8.33 19.15
CA ASP D 80 19.73 -7.37 18.66
C ASP D 80 20.36 -6.57 17.49
N SER D 81 21.62 -6.88 17.16
CA SER D 81 22.35 -6.22 16.08
C SER D 81 21.75 -6.62 14.75
N ALA D 82 21.33 -5.61 13.96
CA ALA D 82 20.68 -5.77 12.65
C ALA D 82 20.32 -4.41 12.09
N THR D 83 19.66 -4.41 10.93
CA THR D 83 19.12 -3.19 10.32
C THR D 83 17.62 -3.18 10.63
N TYR D 84 17.11 -2.07 11.12
CA TYR D 84 15.70 -1.96 11.42
C TYR D 84 15.04 -1.09 10.39
N LEU D 85 14.10 -1.72 9.67
CA LEU D 85 13.39 -1.03 8.60
C LEU D 85 12.03 -0.61 9.00
N CYS D 86 11.72 0.61 8.66
CA CYS D 86 10.40 1.18 8.81
C CYS D 86 9.72 1.35 7.41
N ALA D 87 8.43 0.98 7.28
CA ALA D 87 7.64 1.03 6.05
C ALA D 87 6.21 1.50 6.31
N VAL D 88 5.62 2.19 5.34
CA VAL D 88 4.24 2.65 5.48
C VAL D 88 3.40 2.23 4.25
N GLN D 89 2.09 2.07 4.47
CA GLN D 89 1.07 1.84 3.48
C GLN D 89 0.21 3.10 3.47
N ASP D 90 -0.27 3.53 2.31
CA ASP D 90 -1.05 4.77 2.22
C ASP D 90 -2.49 4.44 1.78
N LEU D 91 -3.47 5.13 2.38
CA LEU D 91 -4.90 4.95 2.06
C LEU D 91 -5.25 5.57 0.71
N GLY D 92 -4.41 6.48 0.20
CA GLY D 92 -4.59 7.09 -1.12
C GLY D 92 -3.89 6.31 -2.20
N THR D 93 -3.56 5.03 -1.90
CA THR D 93 -2.89 4.10 -2.80
C THR D 93 -3.60 2.75 -2.76
N SER D 94 -3.68 2.10 -3.91
CA SER D 94 -4.32 0.80 -4.03
C SER D 94 -3.33 -0.30 -3.72
N GLY D 95 -3.84 -1.39 -3.16
CA GLY D 95 -3.02 -2.53 -2.83
C GLY D 95 -2.38 -2.37 -1.48
N SER D 96 -1.37 -3.19 -1.23
CA SER D 96 -0.69 -3.24 0.04
C SER D 96 0.82 -2.95 -0.10
N ARG D 97 1.25 -2.23 -1.17
CA ARG D 97 2.69 -1.94 -1.35
C ARG D 97 3.20 -1.11 -0.16
N LEU D 98 4.43 -1.39 0.24
CA LEU D 98 5.15 -0.69 1.30
C LEU D 98 6.14 0.26 0.70
N THR D 99 6.24 1.48 1.25
CA THR D 99 7.33 2.36 0.90
C THR D 99 8.19 2.40 2.17
N PHE D 100 9.43 1.85 2.05
CA PHE D 100 10.45 1.74 3.07
C PHE D 100 11.37 2.93 3.23
N GLY D 101 11.83 3.10 4.48
CA GLY D 101 12.87 4.05 4.85
C GLY D 101 14.18 3.38 4.52
N GLU D 102 15.31 4.09 4.65
CA GLU D 102 16.62 3.50 4.31
C GLU D 102 17.12 2.61 5.44
N GLY D 103 16.50 2.68 6.61
CA GLY D 103 16.86 1.83 7.73
C GLY D 103 17.87 2.37 8.71
N THR D 104 17.84 1.78 9.91
CA THR D 104 18.79 2.06 10.97
C THR D 104 19.64 0.81 11.17
N GLN D 105 20.94 0.94 10.95
CA GLN D 105 21.85 -0.18 11.12
C GLN D 105 22.40 -0.14 12.56
N LEU D 106 21.89 -1.00 13.46
CA LEU D 106 22.28 -1.11 14.86
C LEU D 106 23.40 -2.12 15.05
N THR D 107 24.39 -1.76 15.86
CA THR D 107 25.46 -2.67 16.32
C THR D 107 25.52 -2.54 17.84
N VAL D 108 25.41 -3.65 18.55
CA VAL D 108 25.44 -3.60 20.01
C VAL D 108 26.81 -4.09 20.44
N ASN D 109 27.60 -3.18 21.03
CA ASN D 109 28.94 -3.50 21.52
C ASN D 109 28.80 -4.39 22.78
N PRO D 110 29.23 -5.66 22.74
CA PRO D 110 29.03 -6.55 23.92
C PRO D 110 29.86 -6.17 25.14
N ASN D 111 29.35 -6.52 26.34
CA ASN D 111 30.03 -6.38 27.63
C ASN D 111 30.95 -7.60 27.82
N ILE D 112 32.24 -7.37 28.11
CA ILE D 112 33.21 -8.44 28.33
C ILE D 112 33.49 -8.52 29.85
N GLN D 113 33.04 -9.61 30.50
CA GLN D 113 33.14 -9.78 31.95
C GLN D 113 34.57 -9.85 32.44
N ASN D 114 35.33 -10.89 32.04
CA ASN D 114 36.69 -11.06 32.51
C ASN D 114 37.66 -11.13 31.34
N PRO D 115 38.14 -9.96 30.86
CA PRO D 115 39.04 -9.97 29.70
C PRO D 115 40.43 -10.51 30.03
N ASP D 116 40.97 -11.35 29.13
CA ASP D 116 42.31 -11.91 29.23
C ASP D 116 43.08 -11.59 27.93
N PRO D 117 43.30 -10.30 27.55
CA PRO D 117 43.91 -10.00 26.23
C PRO D 117 45.20 -10.74 25.98
N ALA D 118 45.30 -11.40 24.84
CA ALA D 118 46.51 -12.14 24.42
C ALA D 118 46.59 -12.22 22.91
N VAL D 119 47.80 -12.49 22.37
CA VAL D 119 48.09 -12.69 20.95
C VAL D 119 48.75 -14.06 20.80
N TYR D 120 48.10 -15.00 20.08
CA TYR D 120 48.61 -16.35 19.84
C TYR D 120 48.95 -16.64 18.39
N GLN D 121 49.94 -17.53 18.14
CA GLN D 121 50.29 -18.01 16.80
C GLN D 121 49.59 -19.32 16.52
N LEU D 122 48.84 -19.41 15.44
CA LEU D 122 48.17 -20.64 15.02
C LEU D 122 48.88 -21.15 13.79
N ARG D 123 49.20 -22.44 13.77
CA ARG D 123 49.85 -23.07 12.63
C ARG D 123 48.81 -23.81 11.77
N ASP D 124 49.02 -23.86 10.44
CA ASP D 124 48.14 -24.55 9.48
C ASP D 124 48.01 -26.06 9.80
N SER D 125 46.78 -26.59 9.67
CA SER D 125 46.45 -28.00 9.91
C SER D 125 47.09 -28.88 8.83
N LYS D 126 46.82 -28.58 7.53
CA LYS D 126 47.39 -29.31 6.39
C LYS D 126 48.83 -28.87 6.17
N SER D 127 49.75 -29.37 7.05
CA SER D 127 51.20 -29.15 7.17
C SER D 127 51.78 -28.20 6.09
N SER D 128 51.88 -26.90 6.45
CA SER D 128 52.39 -25.83 5.59
C SER D 128 53.21 -24.81 6.38
N ASP D 129 53.82 -23.84 5.66
CA ASP D 129 54.60 -22.73 6.24
C ASP D 129 53.66 -21.56 6.63
N LYS D 130 52.37 -21.66 6.21
CA LYS D 130 51.33 -20.65 6.48
C LYS D 130 50.99 -20.58 7.98
N SER D 131 50.92 -19.35 8.52
CA SER D 131 50.59 -19.10 9.92
C SER D 131 49.69 -17.88 10.08
N VAL D 132 48.87 -17.93 11.12
CA VAL D 132 47.91 -16.91 11.45
C VAL D 132 48.14 -16.48 12.91
N CYS D 133 47.95 -15.19 13.19
CA CYS D 133 48.03 -14.56 14.51
C CYS D 133 46.60 -14.27 14.99
N LEU D 134 46.31 -14.53 16.25
CA LEU D 134 44.99 -14.31 16.78
C LEU D 134 45.05 -13.42 18.00
N PHE D 135 44.44 -12.23 17.93
CA PHE D 135 44.30 -11.30 19.06
C PHE D 135 42.94 -11.64 19.73
N THR D 136 42.96 -12.15 20.96
CA THR D 136 41.69 -12.57 21.58
C THR D 136 41.53 -12.20 23.07
N ASP D 137 40.28 -12.24 23.52
CA ASP D 137 39.81 -12.03 24.91
C ASP D 137 40.07 -10.60 25.46
N PHE D 138 40.18 -9.59 24.59
CA PHE D 138 40.34 -8.18 24.98
C PHE D 138 38.97 -7.57 25.28
N ASP D 139 38.93 -6.49 26.08
CA ASP D 139 37.68 -5.84 26.48
C ASP D 139 36.96 -5.09 25.33
N SER D 140 35.74 -4.63 25.64
CA SER D 140 34.81 -3.92 24.79
C SER D 140 35.33 -2.54 24.35
N GLN D 141 36.39 -2.05 24.97
CA GLN D 141 36.91 -0.73 24.66
C GLN D 141 38.18 -0.76 23.77
N THR D 142 38.68 -1.95 23.37
CA THR D 142 39.85 -2.01 22.49
C THR D 142 39.38 -2.21 21.06
N ASN D 143 40.02 -1.51 20.11
CA ASN D 143 39.73 -1.50 18.69
C ASN D 143 40.92 -1.91 17.88
N VAL D 144 40.67 -2.78 16.90
CA VAL D 144 41.70 -3.36 16.03
C VAL D 144 41.74 -2.60 14.71
N SER D 145 42.89 -1.96 14.46
CA SER D 145 43.19 -1.14 13.28
C SER D 145 43.81 -1.94 12.13
N GLN D 146 43.54 -1.50 10.88
CA GLN D 146 44.10 -2.10 9.67
C GLN D 146 45.53 -1.59 9.49
N SER D 147 46.38 -2.38 8.80
CA SER D 147 47.76 -1.97 8.56
C SER D 147 47.86 -1.21 7.24
N LYS D 148 48.89 -0.36 7.12
CA LYS D 148 49.13 0.35 5.86
C LYS D 148 49.94 -0.55 4.90
N ASP D 149 50.50 -1.67 5.43
CA ASP D 149 51.25 -2.67 4.66
C ASP D 149 50.26 -3.59 3.94
N SER D 150 50.36 -3.61 2.60
CA SER D 150 49.51 -4.42 1.72
C SER D 150 49.73 -5.94 1.88
N ASP D 151 50.90 -6.36 2.39
CA ASP D 151 51.25 -7.76 2.59
C ASP D 151 50.80 -8.29 3.97
N VAL D 152 50.09 -7.45 4.77
CA VAL D 152 49.56 -7.82 6.08
C VAL D 152 48.04 -7.66 6.05
N TYR D 153 47.33 -8.71 6.48
CA TYR D 153 45.87 -8.72 6.55
C TYR D 153 45.43 -8.80 7.99
N ILE D 154 44.58 -7.88 8.39
CA ILE D 154 44.03 -7.73 9.74
C ILE D 154 42.50 -7.60 9.63
N THR D 155 41.75 -8.55 10.23
CA THR D 155 40.28 -8.49 10.22
C THR D 155 39.78 -7.60 11.38
N ASP D 156 38.52 -7.11 11.31
CA ASP D 156 37.92 -6.32 12.40
C ASP D 156 37.60 -7.25 13.59
N LYS D 157 37.30 -6.65 14.77
CA LYS D 157 36.93 -7.43 15.95
C LYS D 157 35.64 -8.19 15.69
N CYS D 158 35.56 -9.38 16.27
CA CYS D 158 34.46 -10.30 16.11
C CYS D 158 34.17 -10.98 17.44
N VAL D 159 32.90 -10.98 17.88
CA VAL D 159 32.52 -11.62 19.14
C VAL D 159 31.85 -12.97 18.89
N LEU D 160 32.32 -13.98 19.62
CA LEU D 160 31.72 -15.32 19.60
C LEU D 160 31.12 -15.58 20.98
N ASP D 161 30.04 -16.34 20.99
CA ASP D 161 29.31 -16.69 22.19
C ASP D 161 29.34 -18.20 22.42
N MET D 162 29.93 -18.59 23.53
CA MET D 162 29.94 -19.97 24.01
C MET D 162 28.75 -20.03 24.97
N ARG D 163 27.54 -20.07 24.36
CA ARG D 163 26.25 -19.98 25.03
C ARG D 163 26.03 -21.02 26.14
N SER D 164 26.86 -22.08 26.18
CA SER D 164 26.79 -23.12 27.21
C SER D 164 27.38 -22.61 28.53
N MET D 165 28.61 -22.07 28.45
CA MET D 165 29.39 -21.60 29.60
C MET D 165 29.17 -20.10 29.91
N ASP D 166 28.11 -19.48 29.32
CA ASP D 166 27.76 -18.04 29.40
C ASP D 166 29.03 -17.17 29.19
N PHE D 167 29.75 -17.46 28.09
CA PHE D 167 31.03 -16.82 27.76
C PHE D 167 31.00 -16.12 26.40
N LYS D 168 31.38 -14.85 26.40
CA LYS D 168 31.50 -13.98 25.23
C LYS D 168 32.98 -13.76 24.98
N SER D 169 33.39 -13.64 23.71
CA SER D 169 34.83 -13.50 23.40
C SER D 169 35.09 -12.70 22.13
N ASN D 170 35.88 -11.65 22.24
CA ASN D 170 36.30 -10.84 21.10
C ASN D 170 37.50 -11.49 20.43
N SER D 171 37.68 -11.26 19.13
CA SER D 171 38.83 -11.76 18.37
C SER D 171 39.05 -11.00 17.06
N ALA D 172 40.31 -10.95 16.66
CA ALA D 172 40.77 -10.36 15.42
C ALA D 172 41.88 -11.24 14.95
N VAL D 173 42.03 -11.41 13.64
CA VAL D 173 43.04 -12.29 13.04
C VAL D 173 43.98 -11.46 12.12
N ALA D 174 45.27 -11.84 12.08
CA ALA D 174 46.27 -11.19 11.21
C ALA D 174 47.12 -12.24 10.57
N TRP D 175 47.45 -12.03 9.29
CA TRP D 175 48.31 -12.94 8.56
C TRP D 175 49.05 -12.19 7.47
N SER D 176 50.17 -12.78 7.06
CA SER D 176 51.05 -12.23 6.04
C SER D 176 51.75 -13.36 5.28
N ASN D 177 51.99 -13.14 3.98
CA ASN D 177 52.73 -14.13 3.18
C ASN D 177 54.23 -14.01 3.49
N LYS D 178 54.68 -12.81 3.95
CA LYS D 178 56.04 -12.51 4.37
C LYS D 178 56.49 -13.46 5.49
N SER D 179 57.63 -14.12 5.30
CA SER D 179 58.23 -15.07 6.24
C SER D 179 58.56 -14.42 7.59
N ASP D 180 59.05 -13.16 7.55
CA ASP D 180 59.48 -12.35 8.68
C ASP D 180 58.35 -12.01 9.67
N PHE D 181 57.08 -12.35 9.33
CA PHE D 181 55.91 -12.06 10.16
C PHE D 181 56.01 -12.64 11.56
N ALA D 182 55.54 -11.87 12.54
CA ALA D 182 55.55 -12.25 13.94
C ALA D 182 54.37 -11.65 14.67
N CYS D 183 53.86 -12.40 15.65
CA CYS D 183 52.69 -12.09 16.46
C CYS D 183 52.89 -10.88 17.36
N ALA D 184 54.11 -10.72 17.92
CA ALA D 184 54.49 -9.62 18.82
C ALA D 184 54.20 -8.26 18.20
N ASN D 185 54.34 -8.16 16.86
CA ASN D 185 54.14 -6.90 16.13
C ASN D 185 53.03 -6.99 15.07
N ALA D 186 52.13 -7.97 15.18
CA ALA D 186 51.07 -8.18 14.19
C ALA D 186 50.01 -7.10 14.31
N PHE D 187 49.64 -6.76 15.54
CA PHE D 187 48.63 -5.76 15.88
C PHE D 187 49.30 -4.44 16.31
N ASN D 188 50.46 -4.15 15.69
CA ASN D 188 51.35 -3.02 15.94
C ASN D 188 50.69 -1.66 15.77
N ASN D 189 49.98 -1.43 14.66
CA ASN D 189 49.26 -0.20 14.36
C ASN D 189 48.19 0.14 15.41
N SER D 190 47.61 -0.89 16.10
CA SER D 190 46.53 -0.79 17.11
C SER D 190 47.01 -0.42 18.50
N ILE D 191 46.11 0.23 19.30
CA ILE D 191 46.38 0.51 20.72
C ILE D 191 45.95 -0.78 21.44
N ILE D 192 46.91 -1.52 22.00
CA ILE D 192 46.64 -2.79 22.64
C ILE D 192 46.75 -2.64 24.17
N PRO D 193 45.95 -3.42 24.96
CA PRO D 193 46.04 -3.29 26.42
C PRO D 193 47.45 -3.54 26.93
N GLU D 194 47.90 -2.75 27.92
CA GLU D 194 49.25 -2.89 28.47
C GLU D 194 49.43 -4.28 29.14
N ASP D 195 48.33 -4.89 29.57
CA ASP D 195 48.34 -6.20 30.23
C ASP D 195 48.21 -7.35 29.21
N THR D 196 48.48 -7.12 27.89
CA THR D 196 48.37 -8.19 26.87
C THR D 196 49.45 -9.27 27.07
N PHE D 197 49.03 -10.53 26.99
CA PHE D 197 49.88 -11.69 27.17
C PHE D 197 50.51 -12.12 25.83
N PHE D 198 51.84 -12.07 25.75
CA PHE D 198 52.58 -12.48 24.56
C PHE D 198 53.41 -13.72 24.88
N PRO D 199 52.82 -14.94 24.70
CA PRO D 199 53.56 -16.19 24.99
C PRO D 199 54.82 -16.39 24.15
N SER D 200 55.74 -17.23 24.66
CA SER D 200 57.01 -17.57 24.01
C SER D 200 57.37 -19.03 24.23
N ASP E 1 8.58 -19.77 7.99
CA ASP E 1 9.56 -18.71 8.24
C ASP E 1 10.35 -18.41 6.93
N SER E 2 9.83 -17.50 6.05
CA SER E 2 8.53 -16.83 6.20
C SER E 2 7.44 -17.59 5.42
N GLY E 3 7.86 -18.29 4.38
CA GLY E 3 6.99 -19.08 3.51
C GLY E 3 7.20 -18.79 2.04
N VAL E 4 7.72 -17.60 1.73
CA VAL E 4 8.00 -17.13 0.37
C VAL E 4 9.30 -17.77 -0.05
N THR E 5 9.34 -18.43 -1.20
CA THR E 5 10.60 -19.05 -1.62
C THR E 5 11.11 -18.37 -2.89
N GLN E 6 12.36 -17.86 -2.85
CA GLN E 6 13.03 -17.20 -3.98
C GLN E 6 14.17 -18.03 -4.48
N THR E 7 14.38 -18.07 -5.82
CA THR E 7 15.50 -18.78 -6.46
C THR E 7 15.90 -18.09 -7.78
N PRO E 8 17.18 -18.13 -8.21
CA PRO E 8 18.37 -18.62 -7.47
C PRO E 8 18.67 -17.68 -6.31
N LYS E 9 19.35 -18.15 -5.24
CA LYS E 9 19.71 -17.26 -4.12
C LYS E 9 20.89 -16.31 -4.53
N HIS E 10 21.72 -16.77 -5.48
CA HIS E 10 22.86 -16.03 -5.98
C HIS E 10 23.01 -16.20 -7.46
N LEU E 11 23.34 -15.12 -8.15
CA LEU E 11 23.55 -15.11 -9.60
C LEU E 11 24.72 -14.24 -9.93
N ILE E 12 25.61 -14.76 -10.77
CA ILE E 12 26.78 -14.05 -11.28
C ILE E 12 26.69 -14.14 -12.79
N THR E 13 26.79 -13.00 -13.46
CA THR E 13 26.70 -12.92 -14.91
C THR E 13 27.48 -11.70 -15.40
N ALA E 14 27.62 -11.55 -16.73
CA ALA E 14 28.33 -10.45 -17.35
C ALA E 14 27.37 -9.38 -17.86
N THR E 15 27.89 -8.18 -18.21
CA THR E 15 27.04 -7.07 -18.74
C THR E 15 26.53 -7.47 -20.14
N GLY E 16 25.29 -7.09 -20.46
CA GLY E 16 24.62 -7.45 -21.71
C GLY E 16 23.89 -8.78 -21.66
N GLN E 17 24.06 -9.53 -20.56
CA GLN E 17 23.33 -10.78 -20.40
C GLN E 17 21.91 -10.51 -19.80
N ARG E 18 21.12 -11.59 -19.69
CA ARG E 18 19.74 -11.65 -19.20
C ARG E 18 19.64 -12.73 -18.14
N VAL E 19 18.95 -12.44 -17.04
CA VAL E 19 18.75 -13.38 -15.92
C VAL E 19 17.28 -13.48 -15.60
N THR E 20 16.86 -14.53 -14.95
CA THR E 20 15.47 -14.66 -14.59
C THR E 20 15.36 -15.12 -13.11
N LEU E 21 14.66 -14.33 -12.29
CA LEU E 21 14.44 -14.63 -10.88
C LEU E 21 13.07 -15.23 -10.68
N ARG E 22 12.94 -16.23 -9.81
CA ARG E 22 11.67 -16.91 -9.53
C ARG E 22 11.22 -16.66 -8.11
N CYS E 23 9.92 -16.61 -7.91
CA CYS E 23 9.35 -16.40 -6.59
C CYS E 23 8.02 -17.11 -6.44
N SER E 24 7.90 -17.88 -5.37
CA SER E 24 6.66 -18.54 -5.00
C SER E 24 6.09 -17.83 -3.79
N PRO E 25 4.85 -17.32 -3.86
CA PRO E 25 4.29 -16.65 -2.68
C PRO E 25 4.03 -17.60 -1.53
N ARG E 26 3.69 -17.09 -0.35
CA ARG E 26 3.29 -17.99 0.75
C ARG E 26 2.04 -18.74 0.34
N SER E 27 1.87 -19.98 0.82
CA SER E 27 0.66 -20.79 0.54
C SER E 27 -0.56 -20.01 1.02
N GLY E 28 -1.47 -19.72 0.08
CA GLY E 28 -2.68 -18.94 0.36
C GLY E 28 -2.63 -17.49 -0.11
N ASP E 29 -1.41 -16.92 -0.25
CA ASP E 29 -1.21 -15.54 -0.71
C ASP E 29 -1.36 -15.51 -2.27
N LEU E 30 -2.09 -14.52 -2.81
CA LEU E 30 -2.36 -14.43 -4.25
C LEU E 30 -1.57 -13.30 -4.96
N SER E 31 -0.91 -12.43 -4.17
CA SER E 31 -0.12 -11.31 -4.69
C SER E 31 1.39 -11.58 -4.63
N VAL E 32 2.13 -10.91 -5.53
CA VAL E 32 3.58 -10.96 -5.60
C VAL E 32 4.05 -9.52 -5.79
N TYR E 33 4.88 -9.02 -4.88
CA TYR E 33 5.49 -7.69 -4.93
C TYR E 33 6.97 -7.90 -5.17
N TRP E 34 7.58 -7.19 -6.14
CA TRP E 34 9.00 -7.30 -6.41
C TRP E 34 9.68 -6.07 -5.91
N TYR E 35 10.80 -6.25 -5.21
CA TYR E 35 11.54 -5.16 -4.59
C TYR E 35 12.98 -5.29 -4.95
N GLN E 36 13.64 -4.14 -5.06
CA GLN E 36 15.06 -4.04 -5.34
C GLN E 36 15.74 -3.28 -4.21
N GLN E 37 16.86 -3.81 -3.74
CA GLN E 37 17.69 -3.16 -2.73
C GLN E 37 19.08 -2.93 -3.33
N SER E 38 19.35 -1.75 -3.89
CA SER E 38 20.71 -1.47 -4.40
C SER E 38 21.63 -1.13 -3.19
N LEU E 39 22.98 -1.23 -3.32
CA LEU E 39 23.92 -0.93 -2.21
C LEU E 39 23.82 0.55 -1.77
N ASP E 40 23.87 0.79 -0.45
CA ASP E 40 23.71 2.09 0.24
C ASP E 40 22.22 2.55 0.19
N GLN E 41 21.53 2.28 -0.93
CA GLN E 41 20.10 2.59 -1.16
C GLN E 41 19.18 1.60 -0.40
N GLY E 42 17.93 2.00 -0.17
CA GLY E 42 16.94 1.17 0.51
C GLY E 42 16.07 0.38 -0.47
N LEU E 43 15.00 -0.29 0.06
CA LEU E 43 14.08 -1.12 -0.71
C LEU E 43 13.19 -0.28 -1.66
N GLN E 44 13.24 -0.56 -2.95
CA GLN E 44 12.42 0.19 -3.92
C GLN E 44 11.42 -0.74 -4.56
N PHE E 45 10.18 -0.28 -4.62
CA PHE E 45 9.08 -1.06 -5.21
C PHE E 45 9.20 -1.10 -6.74
N LEU E 46 9.22 -2.33 -7.29
CA LEU E 46 9.29 -2.55 -8.74
C LEU E 46 7.93 -2.78 -9.34
N ILE E 47 7.24 -3.87 -8.96
CA ILE E 47 5.93 -4.22 -9.56
C ILE E 47 5.11 -5.18 -8.69
N GLN E 48 3.80 -5.16 -8.83
CA GLN E 48 2.86 -6.04 -8.13
C GLN E 48 1.99 -6.81 -9.11
N TYR E 49 1.76 -8.07 -8.81
CA TYR E 49 0.88 -8.97 -9.51
C TYR E 49 -0.15 -9.46 -8.54
N TYR E 50 -1.38 -9.65 -9.02
CA TYR E 50 -2.47 -10.20 -8.23
C TYR E 50 -3.18 -11.22 -9.08
N ASN E 51 -3.26 -12.44 -8.54
CA ASN E 51 -3.90 -13.62 -9.12
C ASN E 51 -3.71 -13.74 -10.65
N GLY E 52 -2.49 -13.55 -11.12
CA GLY E 52 -2.10 -13.69 -12.51
C GLY E 52 -2.00 -12.42 -13.30
N GLU E 53 -2.50 -11.29 -12.81
CA GLU E 53 -2.43 -10.07 -13.61
C GLU E 53 -1.71 -8.91 -12.92
N GLU E 54 -1.04 -8.06 -13.75
CA GLU E 54 -0.33 -6.85 -13.31
C GLU E 54 -1.34 -5.98 -12.62
N ARG E 55 -0.99 -5.45 -11.46
CA ARG E 55 -1.91 -4.68 -10.65
C ARG E 55 -1.35 -3.28 -10.33
N ALA E 56 -0.04 -3.16 -10.13
CA ALA E 56 0.59 -1.88 -9.81
C ALA E 56 2.04 -1.89 -10.25
N LYS E 57 2.54 -0.72 -10.67
CA LYS E 57 3.87 -0.54 -11.21
C LYS E 57 4.66 0.47 -10.43
N GLY E 58 5.90 0.14 -10.11
CA GLY E 58 6.76 1.07 -9.38
C GLY E 58 7.69 1.76 -10.34
N ASN E 59 8.97 1.78 -10.01
CA ASN E 59 9.97 2.40 -10.87
C ASN E 59 10.81 1.33 -11.55
N ILE E 60 10.11 0.28 -12.03
CA ILE E 60 10.67 -0.80 -12.82
C ILE E 60 11.06 -0.22 -14.23
N LEU E 61 12.28 -0.57 -14.68
CA LEU E 61 12.90 -0.18 -15.95
C LEU E 61 12.28 -0.92 -17.11
N GLU E 62 12.27 -0.28 -18.31
CA GLU E 62 11.70 -0.87 -19.53
C GLU E 62 12.38 -2.18 -19.97
N ARG E 63 13.69 -2.36 -19.67
CA ARG E 63 14.42 -3.59 -20.00
C ARG E 63 14.18 -4.70 -18.95
N PHE E 64 13.40 -4.38 -17.90
CA PHE E 64 12.98 -5.36 -16.90
C PHE E 64 11.55 -5.70 -17.18
N SER E 65 11.20 -6.97 -17.01
CA SER E 65 9.85 -7.46 -17.17
C SER E 65 9.57 -8.54 -16.13
N ALA E 66 8.30 -8.79 -15.81
CA ALA E 66 7.92 -9.83 -14.85
C ALA E 66 6.58 -10.39 -15.24
N GLN E 67 6.16 -11.50 -14.59
CA GLN E 67 4.90 -12.17 -14.88
C GLN E 67 4.49 -12.99 -13.70
N GLN E 68 3.20 -13.11 -13.45
CA GLN E 68 2.66 -14.03 -12.46
C GLN E 68 1.86 -15.10 -13.21
N PHE E 69 2.21 -16.34 -12.97
CA PHE E 69 1.66 -17.54 -13.60
C PHE E 69 0.33 -17.98 -12.98
N PRO E 70 -0.51 -18.77 -13.70
CA PRO E 70 -1.82 -19.18 -13.15
C PRO E 70 -1.70 -19.94 -11.81
N ASP E 71 -0.60 -20.68 -11.60
CA ASP E 71 -0.32 -21.37 -10.34
C ASP E 71 0.27 -20.41 -9.29
N LEU E 72 0.23 -19.09 -9.58
CA LEU E 72 0.59 -17.95 -8.70
C LEU E 72 2.09 -17.67 -8.53
N HIS E 73 2.98 -18.53 -9.05
CA HIS E 73 4.41 -18.27 -8.94
C HIS E 73 4.79 -17.07 -9.88
N SER E 74 5.91 -16.40 -9.62
CA SER E 74 6.27 -15.23 -10.43
C SER E 74 7.68 -15.26 -10.90
N GLU E 75 7.95 -14.60 -12.04
CA GLU E 75 9.28 -14.53 -12.64
C GLU E 75 9.67 -13.12 -12.98
N LEU E 76 10.83 -12.67 -12.48
CA LEU E 76 11.38 -11.36 -12.81
C LEU E 76 12.51 -11.53 -13.83
N ASN E 77 12.37 -10.90 -14.98
CA ASN E 77 13.36 -10.93 -16.06
C ASN E 77 14.09 -9.60 -16.12
N LEU E 78 15.41 -9.67 -16.07
CA LEU E 78 16.31 -8.52 -16.09
C LEU E 78 17.20 -8.68 -17.30
N SER E 79 17.00 -7.83 -18.33
CA SER E 79 17.73 -7.85 -19.60
C SER E 79 18.80 -6.75 -19.71
N SER E 80 19.73 -6.91 -20.69
CA SER E 80 20.80 -5.96 -21.03
C SER E 80 21.44 -5.47 -19.76
N LEU E 81 21.95 -6.41 -18.97
CA LEU E 81 22.44 -6.08 -17.65
C LEU E 81 23.60 -5.11 -17.67
N GLU E 82 23.61 -4.23 -16.69
CA GLU E 82 24.60 -3.19 -16.42
C GLU E 82 25.20 -3.42 -15.06
N LEU E 83 26.42 -2.89 -14.81
CA LEU E 83 27.08 -3.01 -13.50
C LEU E 83 26.15 -2.56 -12.37
N GLY E 84 25.39 -1.49 -12.64
CA GLY E 84 24.42 -0.89 -11.74
C GLY E 84 23.18 -1.71 -11.46
N ASP E 85 23.06 -2.91 -12.06
CA ASP E 85 21.92 -3.79 -11.81
C ASP E 85 22.25 -4.74 -10.65
N SER E 86 23.52 -4.75 -10.20
CA SER E 86 24.00 -5.50 -9.02
C SER E 86 23.27 -4.93 -7.80
N ALA E 87 22.47 -5.80 -7.17
CA ALA E 87 21.57 -5.47 -6.09
C ALA E 87 21.00 -6.73 -5.50
N LEU E 88 20.13 -6.55 -4.53
CA LEU E 88 19.36 -7.62 -3.93
C LEU E 88 17.93 -7.49 -4.45
N TYR E 89 17.39 -8.58 -4.94
CA TYR E 89 16.03 -8.56 -5.43
C TYR E 89 15.20 -9.41 -4.49
N PHE E 90 14.16 -8.79 -3.91
CA PHE E 90 13.24 -9.43 -2.99
C PHE E 90 11.85 -9.45 -3.50
N CYS E 91 11.12 -10.44 -3.11
CA CYS E 91 9.74 -10.43 -3.41
C CYS E 91 9.01 -10.74 -2.16
N ALA E 92 7.79 -10.23 -2.07
CA ALA E 92 6.90 -10.35 -0.95
C ALA E 92 5.54 -10.77 -1.43
N SER E 93 4.77 -11.37 -0.53
CA SER E 93 3.39 -11.73 -0.79
C SER E 93 2.60 -11.15 0.38
N SER E 94 1.40 -10.62 0.11
CA SER E 94 0.59 -10.03 1.16
C SER E 94 -0.45 -11.00 1.64
N ALA E 95 -0.68 -10.98 2.96
CA ALA E 95 -1.67 -11.75 3.63
C ALA E 95 -2.94 -10.94 3.57
N ARG E 96 -4.11 -11.59 3.75
CA ARG E 96 -5.39 -10.89 3.73
C ARG E 96 -5.42 -9.76 4.76
N SER E 97 -4.72 -9.93 5.90
CA SER E 97 -4.61 -8.94 6.98
C SER E 97 -3.86 -7.65 6.52
N GLY E 98 -3.14 -7.71 5.38
CA GLY E 98 -2.43 -6.57 4.83
C GLY E 98 -0.90 -6.57 4.93
N GLU E 99 -0.32 -7.47 5.77
CA GLU E 99 1.14 -7.58 5.97
C GLU E 99 1.86 -8.23 4.79
N LEU E 100 3.03 -7.67 4.39
CA LEU E 100 3.91 -8.24 3.35
C LEU E 100 4.95 -9.16 3.98
N PHE E 101 5.06 -10.39 3.48
CA PHE E 101 6.02 -11.41 3.92
C PHE E 101 7.03 -11.54 2.85
N PHE E 102 8.27 -11.26 3.20
CA PHE E 102 9.37 -11.23 2.25
C PHE E 102 10.07 -12.55 2.13
N GLY E 103 10.75 -12.74 1.00
CA GLY E 103 11.60 -13.90 0.74
C GLY E 103 12.99 -13.62 1.29
N GLU E 104 13.95 -14.52 1.02
CA GLU E 104 15.32 -14.36 1.51
C GLU E 104 16.14 -13.52 0.54
N GLY E 105 15.68 -13.41 -0.70
CA GLY E 105 16.36 -12.61 -1.71
C GLY E 105 17.18 -13.37 -2.73
N SER E 106 17.54 -12.65 -3.80
CA SER E 106 18.39 -13.09 -4.89
C SER E 106 19.43 -12.04 -5.07
N ARG E 107 20.70 -12.41 -4.82
CA ARG E 107 21.86 -11.54 -4.96
C ARG E 107 22.40 -11.67 -6.39
N LEU E 108 22.21 -10.59 -7.17
CA LEU E 108 22.74 -10.53 -8.51
C LEU E 108 24.03 -9.75 -8.51
N THR E 109 25.10 -10.32 -9.09
CA THR E 109 26.37 -9.64 -9.28
C THR E 109 26.66 -9.65 -10.77
N VAL E 110 26.73 -8.44 -11.34
CA VAL E 110 26.99 -8.19 -12.75
C VAL E 110 28.45 -7.79 -12.92
N LEU E 111 29.18 -8.50 -13.79
CA LEU E 111 30.60 -8.13 -14.02
C LEU E 111 30.83 -7.70 -15.48
N GLU E 112 31.88 -6.90 -15.74
CA GLU E 112 32.18 -6.49 -17.12
C GLU E 112 32.60 -7.73 -17.95
N ASP E 113 33.26 -8.71 -17.29
CA ASP E 113 33.67 -10.01 -17.84
C ASP E 113 33.87 -10.97 -16.69
N LEU E 114 33.82 -12.26 -16.96
CA LEU E 114 33.90 -13.32 -15.94
C LEU E 114 35.32 -13.90 -15.74
N LYS E 115 36.33 -13.34 -16.39
CA LYS E 115 37.70 -13.84 -16.29
C LYS E 115 38.29 -13.64 -14.89
N ASN E 116 37.76 -12.68 -14.12
CA ASN E 116 38.24 -12.37 -12.78
C ASN E 116 37.50 -13.21 -11.71
N VAL E 117 36.68 -14.21 -12.11
CA VAL E 117 35.96 -15.08 -11.18
C VAL E 117 36.93 -16.17 -10.73
N PHE E 118 37.17 -16.27 -9.39
CA PHE E 118 38.06 -17.26 -8.76
C PHE E 118 37.38 -17.91 -7.56
N PRO E 119 37.52 -19.24 -7.38
CA PRO E 119 36.93 -19.85 -6.18
C PRO E 119 37.85 -19.62 -4.98
N PRO E 120 37.40 -19.80 -3.73
CA PRO E 120 38.33 -19.63 -2.61
C PRO E 120 39.20 -20.86 -2.35
N GLU E 121 40.39 -20.62 -1.79
CA GLU E 121 41.27 -21.63 -1.20
C GLU E 121 40.95 -21.60 0.28
N VAL E 122 40.74 -22.76 0.90
CA VAL E 122 40.34 -22.84 2.30
C VAL E 122 41.44 -23.51 3.18
N ALA E 123 41.80 -22.88 4.32
CA ALA E 123 42.77 -23.43 5.27
C ALA E 123 42.23 -23.40 6.71
N VAL E 124 42.54 -24.44 7.50
CA VAL E 124 42.19 -24.54 8.93
C VAL E 124 43.50 -24.38 9.72
N PHE E 125 43.50 -23.51 10.74
CA PHE E 125 44.65 -23.25 11.62
C PHE E 125 44.31 -23.75 13.00
N GLU E 126 45.17 -24.63 13.53
CA GLU E 126 44.96 -25.34 14.78
C GLU E 126 45.23 -24.45 16.00
N PRO E 127 44.47 -24.68 17.11
CA PRO E 127 44.68 -23.92 18.34
C PRO E 127 46.14 -23.87 18.79
N SER E 128 46.56 -22.74 19.37
CA SER E 128 47.90 -22.59 19.91
C SER E 128 48.00 -23.39 21.24
N GLU E 129 49.17 -23.97 21.55
CA GLU E 129 49.30 -24.68 22.82
C GLU E 129 49.29 -23.68 23.99
N ALA E 130 49.73 -22.43 23.74
CA ALA E 130 49.76 -21.32 24.69
C ALA E 130 48.38 -20.98 25.21
N GLU E 131 47.40 -20.88 24.29
CA GLU E 131 46.00 -20.58 24.57
C GLU E 131 45.35 -21.68 25.39
N ILE E 132 45.62 -22.96 25.06
CA ILE E 132 45.04 -24.08 25.81
C ILE E 132 45.53 -24.00 27.28
N SER E 133 46.84 -23.80 27.49
CA SER E 133 47.47 -23.67 28.81
C SER E 133 46.96 -22.44 29.59
N HIS E 134 46.84 -21.29 28.90
CA HIS E 134 46.38 -20.02 29.46
C HIS E 134 44.86 -19.96 29.73
N THR E 135 44.00 -20.47 28.81
CA THR E 135 42.53 -20.31 28.99
C THR E 135 41.73 -21.60 29.20
N GLN E 136 42.28 -22.77 28.83
CA GLN E 136 41.59 -24.08 28.86
C GLN E 136 40.46 -24.08 27.78
N LYS E 137 40.55 -23.15 26.82
CA LYS E 137 39.69 -23.01 25.64
C LYS E 137 40.60 -23.13 24.41
N ALA E 138 40.07 -23.58 23.29
CA ALA E 138 40.88 -23.77 22.10
C ALA E 138 40.19 -23.16 20.87
N THR E 139 40.88 -22.24 20.17
CA THR E 139 40.29 -21.58 19.00
C THR E 139 40.85 -22.12 17.71
N LEU E 140 39.95 -22.50 16.81
CA LEU E 140 40.33 -22.91 15.47
C LEU E 140 40.06 -21.74 14.51
N VAL E 141 40.99 -21.46 13.61
CA VAL E 141 40.76 -20.37 12.69
C VAL E 141 40.67 -20.93 11.26
N CYS E 142 39.70 -20.40 10.52
CA CYS E 142 39.56 -20.72 9.11
C CYS E 142 39.76 -19.50 8.24
N LEU E 143 40.49 -19.70 7.16
CA LEU E 143 40.80 -18.69 6.17
C LEU E 143 40.32 -19.10 4.78
N ALA E 144 39.49 -18.29 4.14
CA ALA E 144 39.05 -18.50 2.77
C ALA E 144 39.67 -17.36 1.97
N THR E 145 40.64 -17.67 1.09
CA THR E 145 41.38 -16.62 0.38
C THR E 145 41.27 -16.69 -1.15
N GLY E 146 41.66 -15.59 -1.80
CA GLY E 146 41.67 -15.41 -3.26
C GLY E 146 40.37 -15.60 -4.02
N PHE E 147 39.21 -15.29 -3.42
CA PHE E 147 37.96 -15.51 -4.16
C PHE E 147 37.41 -14.22 -4.71
N TYR E 148 36.67 -14.33 -5.81
CA TYR E 148 35.99 -13.23 -6.48
C TYR E 148 34.76 -13.73 -7.29
N PRO E 149 33.57 -13.08 -7.23
CA PRO E 149 33.17 -11.98 -6.31
C PRO E 149 32.94 -12.51 -4.87
N ASP E 150 32.40 -11.68 -3.96
CA ASP E 150 32.23 -12.08 -2.55
C ASP E 150 30.88 -12.79 -2.26
N HIS E 151 30.57 -13.82 -3.07
CA HIS E 151 29.36 -14.62 -2.91
C HIS E 151 29.69 -15.92 -2.13
N VAL E 152 30.12 -15.78 -0.85
CA VAL E 152 30.48 -16.97 -0.05
C VAL E 152 29.72 -17.08 1.28
N GLU E 153 29.40 -18.31 1.66
CA GLU E 153 28.73 -18.65 2.92
C GLU E 153 29.62 -19.65 3.63
N LEU E 154 30.23 -19.23 4.75
CA LEU E 154 31.12 -20.07 5.54
C LEU E 154 30.36 -20.77 6.69
N SER E 155 30.71 -22.02 7.00
CA SER E 155 30.08 -22.78 8.09
C SER E 155 31.02 -23.81 8.69
N TRP E 156 30.84 -24.05 9.98
CA TRP E 156 31.60 -25.02 10.74
C TRP E 156 30.75 -26.26 10.94
N TRP E 157 31.37 -27.43 10.71
CA TRP E 157 30.77 -28.74 10.83
C TRP E 157 31.57 -29.51 11.84
N VAL E 158 30.91 -29.84 12.95
CA VAL E 158 31.55 -30.56 14.06
C VAL E 158 30.84 -31.91 14.18
N ASN E 159 31.63 -32.99 13.97
CA ASN E 159 31.20 -34.39 13.97
C ASN E 159 29.99 -34.60 13.03
N GLY E 160 30.09 -34.03 11.83
CA GLY E 160 29.07 -34.11 10.80
C GLY E 160 27.84 -33.23 10.95
N LYS E 161 27.77 -32.39 12.02
CA LYS E 161 26.61 -31.49 12.24
C LYS E 161 27.04 -30.00 12.24
N GLU E 162 26.23 -29.12 11.62
CA GLU E 162 26.54 -27.70 11.57
C GLU E 162 26.35 -27.06 12.93
N VAL E 163 27.41 -26.37 13.43
CA VAL E 163 27.40 -25.69 14.73
C VAL E 163 27.36 -24.18 14.55
N HIS E 164 26.63 -23.50 15.44
CA HIS E 164 26.50 -22.04 15.45
C HIS E 164 27.11 -21.45 16.73
N SER E 165 27.19 -22.25 17.80
CA SER E 165 27.74 -21.82 19.08
C SER E 165 29.27 -21.83 19.08
N GLY E 166 29.85 -20.74 19.60
CA GLY E 166 31.29 -20.56 19.73
C GLY E 166 31.98 -20.20 18.42
N VAL E 167 31.18 -19.69 17.47
CA VAL E 167 31.52 -19.36 16.10
C VAL E 167 31.31 -17.87 15.82
N CYS E 168 32.21 -17.27 15.05
CA CYS E 168 32.04 -15.93 14.54
C CYS E 168 32.83 -15.79 13.24
N THR E 169 32.15 -15.31 12.22
CA THR E 169 32.73 -15.04 10.90
C THR E 169 32.76 -13.54 10.72
N ASP E 170 33.74 -13.01 9.96
CA ASP E 170 33.82 -11.56 9.67
C ASP E 170 32.56 -11.18 8.92
N PRO E 171 31.87 -10.07 9.30
CA PRO E 171 30.63 -9.70 8.59
C PRO E 171 30.92 -9.23 7.16
N GLN E 172 32.11 -8.69 6.93
CA GLN E 172 32.47 -8.27 5.59
C GLN E 172 33.80 -8.91 5.16
N PRO E 173 33.94 -9.26 3.86
CA PRO E 173 35.21 -9.81 3.39
C PRO E 173 36.24 -8.70 3.32
N LEU E 174 37.49 -9.08 3.38
CA LEU E 174 38.64 -8.20 3.31
C LEU E 174 39.19 -8.20 1.88
N LYS E 175 39.53 -7.03 1.33
CA LYS E 175 40.15 -6.97 -0.01
C LYS E 175 41.64 -7.24 0.11
N GLU E 176 42.15 -8.16 -0.72
CA GLU E 176 43.55 -8.57 -0.78
C GLU E 176 44.43 -7.56 -1.49
N GLN E 177 43.85 -6.79 -2.41
CA GLN E 177 44.48 -5.70 -3.15
C GLN E 177 43.54 -4.51 -3.03
N PRO E 178 43.60 -3.77 -1.90
CA PRO E 178 42.62 -2.70 -1.64
C PRO E 178 42.48 -1.63 -2.74
N ALA E 179 43.57 -1.33 -3.49
CA ALA E 179 43.56 -0.32 -4.56
C ALA E 179 43.00 -0.85 -5.86
N LEU E 180 43.14 -2.18 -6.10
CA LEU E 180 42.65 -2.84 -7.31
C LEU E 180 41.11 -2.91 -7.27
N ASN E 181 40.47 -2.57 -8.41
CA ASN E 181 39.01 -2.51 -8.57
C ASN E 181 38.35 -3.89 -8.38
N ASP E 182 38.81 -4.91 -9.13
CA ASP E 182 38.26 -6.26 -9.06
C ASP E 182 39.14 -7.13 -8.19
N SER E 183 39.47 -6.61 -7.02
CA SER E 183 40.29 -7.27 -6.02
C SER E 183 39.64 -8.51 -5.48
N ARG E 184 40.45 -9.53 -5.24
CA ARG E 184 40.02 -10.78 -4.65
C ARG E 184 39.80 -10.58 -3.13
N TYR E 185 39.00 -11.46 -2.54
CA TYR E 185 38.69 -11.30 -1.13
C TYR E 185 39.26 -12.41 -0.25
N ALA E 186 39.34 -12.09 1.03
CA ALA E 186 39.75 -13.02 2.08
C ALA E 186 38.73 -12.91 3.22
N LEU E 187 38.29 -14.05 3.73
CA LEU E 187 37.31 -14.14 4.83
C LEU E 187 37.82 -15.09 5.91
N SER E 188 37.67 -14.70 7.18
CA SER E 188 38.05 -15.55 8.30
C SER E 188 36.88 -15.87 9.19
N SER E 189 37.04 -16.97 9.93
CA SER E 189 36.06 -17.42 10.90
C SER E 189 36.75 -18.09 12.03
N ARG E 190 36.17 -17.99 13.21
CA ARG E 190 36.67 -18.62 14.42
C ARG E 190 35.64 -19.59 15.00
N LEU E 191 36.12 -20.77 15.41
CA LEU E 191 35.38 -21.76 16.18
C LEU E 191 36.13 -21.97 17.53
N ARG E 192 35.46 -21.67 18.65
CA ARG E 192 36.06 -21.86 19.95
C ARG E 192 35.37 -23.00 20.70
N VAL E 193 36.18 -23.95 21.16
CA VAL E 193 35.71 -25.10 21.94
C VAL E 193 36.48 -25.12 23.26
N SER E 194 36.11 -26.01 24.20
CA SER E 194 36.88 -26.18 25.44
C SER E 194 38.15 -26.97 25.08
N ALA E 195 39.22 -26.85 25.85
CA ALA E 195 40.49 -27.54 25.57
C ALA E 195 40.27 -29.04 25.40
N THR E 196 39.61 -29.68 26.39
CA THR E 196 39.27 -31.11 26.46
C THR E 196 38.55 -31.57 25.18
N PHE E 197 37.58 -30.78 24.66
CA PHE E 197 36.84 -31.11 23.44
C PHE E 197 37.80 -31.21 22.25
N TRP E 198 38.75 -30.25 22.12
CA TRP E 198 39.77 -30.27 21.06
C TRP E 198 40.76 -31.41 21.29
N GLN E 199 41.03 -31.74 22.57
CA GLN E 199 42.01 -32.75 22.97
C GLN E 199 41.59 -34.20 22.59
N ASN E 200 40.29 -34.44 22.38
CA ASN E 200 39.77 -35.75 21.99
C ASN E 200 40.03 -36.01 20.46
N PRO E 201 40.85 -37.03 20.05
CA PRO E 201 41.07 -37.25 18.61
C PRO E 201 39.89 -37.92 17.89
N ARG E 202 38.81 -38.19 18.62
CA ARG E 202 37.58 -38.75 18.05
C ARG E 202 36.71 -37.63 17.48
N ASN E 203 37.10 -36.37 17.79
CA ASN E 203 36.38 -35.17 17.39
C ASN E 203 36.91 -34.62 16.06
N HIS E 204 35.96 -34.41 15.11
CA HIS E 204 36.19 -33.92 13.75
C HIS E 204 35.71 -32.48 13.57
N PHE E 205 36.58 -31.65 13.00
CA PHE E 205 36.30 -30.23 12.76
C PHE E 205 36.49 -29.93 11.31
N ARG E 206 35.39 -29.51 10.66
CA ARG E 206 35.38 -29.16 9.25
C ARG E 206 34.98 -27.72 9.07
N CYS E 207 35.68 -27.05 8.16
CA CYS E 207 35.34 -25.69 7.80
C CYS E 207 34.86 -25.66 6.36
N GLN E 208 33.58 -25.34 6.18
CA GLN E 208 32.92 -25.33 4.88
C GLN E 208 32.72 -23.92 4.33
N VAL E 209 33.16 -23.72 3.10
CA VAL E 209 32.95 -22.48 2.36
C VAL E 209 32.20 -22.85 1.09
N GLN E 210 31.02 -22.30 0.93
CA GLN E 210 30.24 -22.50 -0.26
C GLN E 210 30.47 -21.27 -1.12
N PHE E 211 30.93 -21.48 -2.34
CA PHE E 211 31.17 -20.41 -3.29
C PHE E 211 30.11 -20.47 -4.38
N TYR E 212 29.61 -19.31 -4.79
CA TYR E 212 28.66 -19.20 -5.89
C TYR E 212 29.45 -18.60 -7.02
N GLY E 213 29.56 -19.33 -8.13
CA GLY E 213 30.33 -18.90 -9.29
C GLY E 213 29.55 -18.91 -10.59
N LEU E 214 30.07 -19.61 -11.60
CA LEU E 214 29.47 -19.74 -12.94
C LEU E 214 28.51 -20.91 -12.96
N SER E 215 27.33 -20.76 -13.62
CA SER E 215 26.28 -21.79 -13.60
C SER E 215 25.89 -22.32 -15.01
N GLU E 216 26.91 -22.67 -15.84
CA GLU E 216 26.78 -23.23 -17.21
C GLU E 216 26.06 -22.28 -18.21
N ASN E 217 25.41 -21.18 -17.71
CA ASN E 217 24.73 -20.13 -18.51
C ASN E 217 25.79 -19.15 -19.11
N ASP E 218 27.07 -19.34 -18.71
CA ASP E 218 28.24 -18.58 -19.14
C ASP E 218 29.29 -19.54 -19.71
N GLU E 219 30.18 -19.04 -20.61
CA GLU E 219 31.24 -19.83 -21.26
C GLU E 219 32.63 -19.55 -20.65
N TRP E 220 33.57 -20.53 -20.76
CA TRP E 220 34.92 -20.45 -20.21
C TRP E 220 35.97 -20.82 -21.27
N THR E 221 37.01 -19.96 -21.43
CA THR E 221 38.11 -20.16 -22.40
C THR E 221 39.46 -19.83 -21.75
N GLN E 222 39.78 -20.48 -20.61
CA GLN E 222 41.04 -20.26 -19.89
C GLN E 222 41.70 -21.56 -19.41
N ASP E 223 43.01 -21.52 -19.11
CA ASP E 223 43.80 -22.69 -18.69
C ASP E 223 43.37 -23.30 -17.34
N ARG E 224 43.01 -22.46 -16.34
CA ARG E 224 42.56 -22.96 -15.03
C ARG E 224 41.11 -23.46 -15.15
N ALA E 225 40.65 -24.24 -14.15
CA ALA E 225 39.28 -24.80 -14.11
C ALA E 225 38.20 -23.71 -14.05
N LYS E 226 37.03 -23.98 -14.69
CA LYS E 226 35.86 -23.10 -14.70
C LYS E 226 35.47 -22.83 -13.24
N PRO E 227 35.41 -21.54 -12.80
CA PRO E 227 35.16 -21.26 -11.37
C PRO E 227 33.67 -21.29 -11.04
N VAL E 228 33.10 -22.49 -11.11
CA VAL E 228 31.70 -22.81 -10.88
C VAL E 228 31.29 -22.77 -9.40
N THR E 229 29.97 -22.80 -9.16
CA THR E 229 29.38 -22.90 -7.83
C THR E 229 29.87 -24.20 -7.23
N GLN E 230 30.60 -24.10 -6.13
CA GLN E 230 31.20 -25.26 -5.48
C GLN E 230 31.39 -25.00 -4.01
N ILE E 231 31.66 -26.05 -3.25
CA ILE E 231 31.95 -25.94 -1.85
C ILE E 231 33.42 -26.35 -1.73
N VAL E 232 34.22 -25.52 -1.06
CA VAL E 232 35.63 -25.81 -0.81
C VAL E 232 35.75 -26.02 0.71
N SER E 233 36.55 -27.00 1.14
CA SER E 233 36.66 -27.38 2.55
C SER E 233 38.09 -27.58 3.02
N ALA E 234 38.23 -27.60 4.33
CA ALA E 234 39.46 -27.84 5.08
C ALA E 234 39.05 -28.39 6.43
N GLU E 235 39.71 -29.47 6.85
CA GLU E 235 39.36 -30.14 8.11
C GLU E 235 40.57 -30.38 9.06
N ALA E 236 40.27 -30.62 10.35
CA ALA E 236 41.25 -30.91 11.38
C ALA E 236 40.64 -31.81 12.43
N TRP E 237 41.38 -32.84 12.82
CA TRP E 237 40.97 -33.76 13.87
C TRP E 237 41.56 -33.28 15.17
N GLY E 238 40.87 -33.58 16.26
CA GLY E 238 41.28 -33.26 17.62
C GLY E 238 42.64 -33.83 17.96
N ARG E 239 43.39 -33.15 18.83
CA ARG E 239 44.75 -33.56 19.16
C ARG E 239 45.00 -33.50 20.65
N ALA E 240 45.44 -34.63 21.23
CA ALA E 240 45.75 -34.73 22.66
C ALA E 240 47.03 -33.96 22.97
N ASP E 241 48.02 -34.04 22.06
CA ASP E 241 49.34 -33.40 22.13
C ASP E 241 49.85 -33.04 20.71
#